data_3MAY
#
_entry.id   3MAY
#
_cell.length_a   72.671
_cell.length_b   72.671
_cell.length_c   173.909
_cell.angle_alpha   90.00
_cell.angle_beta   90.00
_cell.angle_gamma   90.00
#
_symmetry.space_group_name_H-M   'P 41'
#
loop_
_entity.id
_entity.type
_entity.pdbx_description
1 polymer 'POSSIBLE EXPORTED PROTEIN'
2 water water
#
_entity_poly.entity_id   1
_entity_poly.type   'polypeptide(L)'
_entity_poly.pdbx_seq_one_letter_code
;GASDPCAASEVARTVGSVAKSMGDYLDSHPETNQVMTAVLQQQVGPGSVASLKAHFEANPKVASDLHALSQPLTDLSTRC
SLPISGLQAIGLMQAVQGARR
;
_entity_poly.pdbx_strand_id   A,B,C,D,E,G,F,H
#
# COMPACT_ATOMS: atom_id res chain seq x y z
N CYS A 6 5.92 2.59 -10.62
CA CYS A 6 5.94 4.00 -11.08
C CYS A 6 5.26 4.07 -12.43
N ALA A 7 4.67 2.94 -12.78
CA ALA A 7 4.05 2.75 -14.06
C ALA A 7 2.73 3.46 -13.99
N ALA A 8 2.26 3.94 -15.13
CA ALA A 8 0.99 4.64 -15.18
C ALA A 8 -0.13 3.88 -14.47
N SER A 9 -0.18 2.56 -14.58
CA SER A 9 -1.16 1.75 -13.83
C SER A 9 -1.07 1.94 -12.35
N GLU A 10 0.12 2.16 -11.83
CA GLU A 10 0.22 2.31 -10.39
C GLU A 10 -0.07 3.77 -9.96
N VAL A 11 0.27 4.78 -10.78
CA VAL A 11 -0.11 6.12 -10.42
C VAL A 11 -1.60 6.19 -10.36
N ALA A 12 -2.25 5.66 -11.38
CA ALA A 12 -3.70 5.66 -11.44
C ALA A 12 -4.36 4.91 -10.24
N ARG A 13 -3.69 3.88 -9.73
CA ARG A 13 -4.36 3.08 -8.73
C ARG A 13 -4.34 3.84 -7.45
N THR A 14 -3.15 4.39 -7.11
CA THR A 14 -2.99 5.26 -5.97
C THR A 14 -4.02 6.41 -6.02
N VAL A 15 -3.97 7.23 -7.06
CA VAL A 15 -4.89 8.35 -7.16
C VAL A 15 -6.33 7.85 -6.99
N GLY A 16 -6.62 6.67 -7.51
CA GLY A 16 -7.93 6.02 -7.28
C GLY A 16 -8.27 5.66 -5.82
N SER A 17 -7.30 5.22 -5.04
CA SER A 17 -7.67 4.86 -3.67
C SER A 17 -7.62 6.12 -2.75
N VAL A 18 -6.63 7.01 -2.92
CA VAL A 18 -6.76 8.34 -2.29
C VAL A 18 -8.09 9.08 -2.64
N ALA A 19 -8.36 9.37 -3.91
CA ALA A 19 -9.65 10.04 -4.27
C ALA A 19 -10.86 9.39 -3.63
N LYS A 20 -10.93 8.06 -3.66
CA LYS A 20 -12.08 7.37 -3.08
C LYS A 20 -12.14 7.60 -1.59
N SER A 21 -10.98 7.49 -0.91
CA SER A 21 -11.02 7.63 0.55
C SER A 21 -11.38 9.05 0.88
N MET A 22 -10.75 10.04 0.26
CA MET A 22 -11.13 11.46 0.39
C MET A 22 -12.65 11.57 0.20
N GLY A 23 -13.19 10.93 -0.85
CA GLY A 23 -14.66 10.95 -1.13
C GLY A 23 -15.55 10.47 0.03
N ASP A 24 -15.27 9.26 0.51
CA ASP A 24 -15.97 8.65 1.63
C ASP A 24 -15.95 9.59 2.84
N TYR A 25 -14.75 10.14 3.14
CA TYR A 25 -14.57 11.01 4.29
C TYR A 25 -15.45 12.27 4.22
N LEU A 26 -15.44 12.89 3.05
CA LEU A 26 -16.25 14.05 2.84
C LEU A 26 -17.71 13.69 2.96
N ASP A 27 -18.08 12.54 2.38
CA ASP A 27 -19.47 12.10 2.44
C ASP A 27 -19.91 12.04 3.88
N SER A 28 -19.00 11.55 4.73
CA SER A 28 -19.40 11.39 6.14
C SER A 28 -19.31 12.70 6.91
N HIS A 29 -18.68 13.73 6.33
CA HIS A 29 -18.50 15.02 6.99
C HIS A 29 -19.13 16.15 6.18
N PRO A 30 -20.49 16.22 6.19
CA PRO A 30 -21.25 17.20 5.40
C PRO A 30 -20.80 18.65 5.54
N GLU A 31 -20.32 19.07 6.70
CA GLU A 31 -19.88 20.47 6.79
C GLU A 31 -18.69 20.70 5.91
N THR A 32 -17.64 19.95 6.17
CA THR A 32 -16.48 19.93 5.24
C THR A 32 -16.91 19.65 3.76
N ASN A 33 -17.86 18.76 3.58
CA ASN A 33 -18.25 18.40 2.22
C ASN A 33 -18.91 19.61 1.58
N GLN A 34 -19.62 20.41 2.39
CA GLN A 34 -20.27 21.67 1.93
C GLN A 34 -19.25 22.76 1.51
N VAL A 35 -18.22 22.96 2.34
CA VAL A 35 -17.17 23.93 2.09
C VAL A 35 -16.29 23.55 0.88
N MET A 36 -16.07 22.25 0.65
CA MET A 36 -15.27 21.87 -0.53
C MET A 36 -16.21 21.98 -1.69
N THR A 37 -17.48 21.64 -1.48
CA THR A 37 -18.44 21.78 -2.56
C THR A 37 -18.49 23.25 -3.08
N ALA A 38 -18.62 24.23 -2.17
CA ALA A 38 -18.70 25.64 -2.60
C ALA A 38 -17.48 26.02 -3.36
N VAL A 39 -16.30 25.54 -2.94
CA VAL A 39 -15.06 25.77 -3.69
C VAL A 39 -15.14 25.27 -5.15
N LEU A 40 -15.64 24.06 -5.38
CA LEU A 40 -15.77 23.58 -6.75
C LEU A 40 -16.83 24.35 -7.57
N GLN A 41 -17.82 24.94 -6.92
CA GLN A 41 -18.86 25.68 -7.65
C GLN A 41 -18.28 27.02 -8.05
N GLN A 42 -17.43 27.53 -7.18
CA GLN A 42 -16.91 28.86 -7.43
C GLN A 42 -15.56 28.76 -8.12
N GLN A 43 -15.33 27.66 -8.82
CA GLN A 43 -14.14 27.49 -9.64
C GLN A 43 -12.85 27.74 -8.87
N VAL A 44 -12.77 27.32 -7.61
CA VAL A 44 -11.57 27.64 -6.79
C VAL A 44 -11.19 29.14 -6.86
N GLY A 45 -12.18 30.00 -7.01
CA GLY A 45 -11.96 31.43 -6.89
C GLY A 45 -11.76 31.91 -5.46
N PRO A 46 -11.31 33.15 -5.32
CA PRO A 46 -10.88 33.87 -4.11
C PRO A 46 -11.74 33.66 -2.85
N GLY A 47 -13.06 33.83 -2.98
CA GLY A 47 -13.94 33.83 -1.80
C GLY A 47 -14.06 32.46 -1.11
N SER A 48 -14.04 31.43 -1.95
CA SER A 48 -14.23 30.07 -1.52
C SER A 48 -12.92 29.50 -0.97
N VAL A 49 -11.79 29.99 -1.48
CA VAL A 49 -10.54 29.55 -0.88
C VAL A 49 -10.47 29.98 0.59
N ALA A 50 -10.87 31.23 0.89
CA ALA A 50 -10.78 31.76 2.27
C ALA A 50 -11.63 30.99 3.28
N SER A 51 -12.83 30.64 2.82
CA SER A 51 -13.77 29.93 3.62
C SER A 51 -13.15 28.57 3.99
N LEU A 52 -12.39 28.05 3.05
CA LEU A 52 -11.77 26.77 3.23
C LEU A 52 -10.61 26.89 4.23
N LYS A 53 -9.75 27.86 4.02
CA LYS A 53 -8.66 28.09 4.97
C LYS A 53 -9.21 28.11 6.40
N ALA A 54 -10.18 28.99 6.67
CA ALA A 54 -10.84 29.11 7.97
C ALA A 54 -11.49 27.79 8.42
N HIS A 55 -11.99 27.00 7.52
CA HIS A 55 -12.62 25.80 7.98
C HIS A 55 -11.57 24.89 8.58
N PHE A 56 -10.35 24.91 8.01
CA PHE A 56 -9.21 24.11 8.51
C PHE A 56 -8.65 24.58 9.81
N GLU A 57 -8.50 25.90 10.02
CA GLU A 57 -8.05 26.38 11.32
C GLU A 57 -9.00 25.90 12.40
N ALA A 58 -10.30 25.84 12.09
CA ALA A 58 -11.23 25.57 13.16
C ALA A 58 -11.49 24.10 13.30
N ASN A 59 -11.02 23.31 12.34
CA ASN A 59 -11.22 21.85 12.38
C ASN A 59 -9.92 21.07 12.10
N PRO A 60 -8.91 21.21 13.02
CA PRO A 60 -7.53 20.68 12.84
C PRO A 60 -7.55 19.15 12.72
N LYS A 61 -8.58 18.54 13.28
CA LYS A 61 -8.82 17.10 13.00
C LYS A 61 -9.15 16.82 11.52
N VAL A 62 -10.11 17.55 10.96
CA VAL A 62 -10.38 17.31 9.54
C VAL A 62 -9.16 17.55 8.65
N ALA A 63 -8.38 18.60 8.94
CA ALA A 63 -7.22 18.94 8.11
C ALA A 63 -6.20 17.83 8.17
N SER A 64 -5.93 17.32 9.36
CA SER A 64 -4.92 16.25 9.50
C SER A 64 -5.43 14.95 8.96
N ASP A 65 -6.71 14.67 9.12
CA ASP A 65 -7.33 13.46 8.52
C ASP A 65 -7.19 13.49 6.94
N LEU A 66 -7.51 14.64 6.34
CA LEU A 66 -7.41 14.74 4.88
C LEU A 66 -5.96 14.67 4.46
N HIS A 67 -5.09 15.32 5.23
CA HIS A 67 -3.66 15.17 4.96
C HIS A 67 -3.22 13.70 5.03
N ALA A 68 -3.62 12.95 6.06
CA ALA A 68 -3.28 11.53 6.11
C ALA A 68 -3.79 10.77 4.88
N LEU A 69 -4.98 11.10 4.40
CA LEU A 69 -5.51 10.39 3.27
C LEU A 69 -4.78 10.71 1.99
N SER A 70 -4.24 11.91 1.91
CA SER A 70 -3.46 12.29 0.71
C SER A 70 -2.02 11.77 0.71
N GLN A 71 -1.53 11.35 1.85
CA GLN A 71 -0.12 10.90 1.89
C GLN A 71 0.38 9.91 0.81
N PRO A 72 -0.41 8.87 0.44
CA PRO A 72 0.18 7.91 -0.50
C PRO A 72 0.50 8.61 -1.83
N LEU A 73 -0.37 9.54 -2.21
CA LEU A 73 -0.18 10.36 -3.38
C LEU A 73 1.08 11.21 -3.26
N THR A 74 1.29 11.82 -2.12
CA THR A 74 2.52 12.57 -1.93
C THR A 74 3.76 11.63 -1.85
N ASP A 75 3.62 10.45 -1.24
CA ASP A 75 4.70 9.44 -1.27
C ASP A 75 5.10 9.19 -2.73
N LEU A 76 4.08 8.84 -3.53
CA LEU A 76 4.30 8.46 -4.88
C LEU A 76 5.18 9.43 -5.66
N SER A 77 4.73 10.68 -5.79
CA SER A 77 5.47 11.68 -6.55
C SER A 77 6.71 12.12 -5.78
N THR A 78 7.45 11.13 -5.28
CA THR A 78 8.73 11.27 -4.59
C THR A 78 9.12 9.97 -5.30
N ARG A 79 8.56 8.84 -4.84
CA ARG A 79 9.11 7.49 -4.86
C ARG A 79 9.44 7.41 -6.36
N CYS A 80 8.68 8.15 -7.18
CA CYS A 80 8.85 8.18 -8.64
C CYS A 80 9.21 9.58 -9.14
N SER A 81 8.53 10.59 -8.58
CA SER A 81 8.78 12.01 -8.86
C SER A 81 8.88 12.36 -10.36
N LEU A 82 7.76 12.31 -11.09
CA LEU A 82 7.83 12.48 -12.55
C LEU A 82 7.24 13.79 -13.12
N PRO A 83 5.99 14.16 -12.73
CA PRO A 83 5.53 15.52 -12.96
C PRO A 83 4.79 16.05 -11.72
N ILE A 84 3.85 16.95 -11.95
CA ILE A 84 2.93 17.42 -10.93
C ILE A 84 2.17 16.22 -10.32
N SER A 85 1.87 16.29 -9.02
CA SER A 85 0.92 15.34 -8.42
C SER A 85 -0.45 15.56 -9.10
N GLY A 86 -0.44 16.37 -10.17
CA GLY A 86 -1.64 16.94 -10.78
C GLY A 86 -2.25 16.32 -12.03
N LEU A 87 -1.92 16.89 -13.19
CA LEU A 87 -2.50 16.50 -14.49
C LEU A 87 -2.50 15.00 -14.73
N GLN A 88 -1.56 14.31 -14.12
CA GLN A 88 -1.54 12.86 -14.17
C GLN A 88 -2.94 12.34 -13.90
N ALA A 89 -3.68 13.12 -13.11
CA ALA A 89 -5.05 12.82 -12.76
C ALA A 89 -6.10 13.42 -13.72
N ILE A 90 -5.68 13.87 -14.90
CA ILE A 90 -6.63 14.17 -15.99
C ILE A 90 -7.43 12.89 -16.28
N GLY A 91 -6.89 11.77 -15.77
CA GLY A 91 -7.59 10.50 -15.61
C GLY A 91 -7.51 9.89 -14.20
N CYS B 6 -23.96 16.66 -6.90
CA CYS B 6 -22.73 17.18 -7.50
C CYS B 6 -21.83 17.68 -6.37
N ALA B 7 -21.92 17.00 -5.22
CA ALA B 7 -21.09 17.32 -4.09
C ALA B 7 -19.66 16.85 -4.31
N ALA B 8 -18.72 17.62 -3.76
CA ALA B 8 -17.29 17.22 -3.65
C ALA B 8 -17.04 15.76 -3.32
N SER B 9 -17.76 15.21 -2.36
CA SER B 9 -17.58 13.77 -2.09
C SER B 9 -17.82 12.94 -3.34
N GLU B 10 -18.91 13.23 -4.04
CA GLU B 10 -19.22 12.49 -5.25
C GLU B 10 -18.22 12.74 -6.38
N VAL B 11 -17.68 13.96 -6.49
CA VAL B 11 -16.69 14.13 -7.56
C VAL B 11 -15.44 13.38 -7.22
N ALA B 12 -15.00 13.47 -5.96
CA ALA B 12 -13.87 12.67 -5.53
C ALA B 12 -14.17 11.19 -5.66
N ARG B 13 -15.39 10.76 -5.38
CA ARG B 13 -15.62 9.27 -5.48
C ARG B 13 -15.53 8.81 -6.90
N THR B 14 -16.09 9.60 -7.80
CA THR B 14 -16.11 9.32 -9.21
C THR B 14 -14.69 9.49 -9.77
N VAL B 15 -13.90 10.45 -9.29
CA VAL B 15 -12.52 10.45 -9.75
C VAL B 15 -11.91 9.13 -9.29
N GLY B 16 -12.38 8.63 -8.17
CA GLY B 16 -11.71 7.52 -7.46
C GLY B 16 -11.97 6.27 -8.21
N SER B 17 -13.18 6.10 -8.73
CA SER B 17 -13.45 4.81 -9.33
C SER B 17 -12.90 4.75 -10.74
N VAL B 18 -13.02 5.84 -11.49
CA VAL B 18 -12.48 5.90 -12.83
C VAL B 18 -10.98 5.60 -12.89
N ALA B 19 -10.20 6.35 -12.11
CA ALA B 19 -8.78 6.17 -11.96
C ALA B 19 -8.45 4.78 -11.52
N LYS B 20 -9.23 4.21 -10.62
CA LYS B 20 -9.05 2.83 -10.23
C LYS B 20 -9.23 1.99 -11.45
N SER B 21 -10.36 2.19 -12.12
CA SER B 21 -10.69 1.30 -13.19
C SER B 21 -9.64 1.41 -14.34
N MET B 22 -9.14 2.61 -14.59
CA MET B 22 -8.05 2.85 -15.53
C MET B 22 -6.80 2.08 -15.11
N GLY B 23 -6.43 2.18 -13.83
CA GLY B 23 -5.22 1.54 -13.38
C GLY B 23 -5.29 0.03 -13.57
N ASP B 24 -6.43 -0.56 -13.25
CA ASP B 24 -6.58 -1.99 -13.42
C ASP B 24 -6.55 -2.37 -14.88
N TYR B 25 -7.13 -1.50 -15.71
CA TYR B 25 -7.09 -1.74 -17.09
C TYR B 25 -5.65 -1.77 -17.53
N LEU B 26 -4.93 -0.70 -17.22
CA LEU B 26 -3.51 -0.60 -17.60
C LEU B 26 -2.65 -1.72 -17.05
N ASP B 27 -2.98 -2.20 -15.87
CA ASP B 27 -2.18 -3.28 -15.30
C ASP B 27 -2.33 -4.55 -16.13
N SER B 28 -3.52 -4.84 -16.61
CA SER B 28 -3.71 -6.04 -17.41
C SER B 28 -3.43 -5.85 -18.91
N HIS B 29 -3.09 -4.62 -19.31
CA HIS B 29 -2.71 -4.33 -20.71
C HIS B 29 -1.33 -3.73 -20.77
N PRO B 30 -0.29 -4.58 -20.58
CA PRO B 30 1.11 -4.10 -20.41
C PRO B 30 1.65 -3.16 -21.50
N GLU B 31 1.29 -3.36 -22.75
CA GLU B 31 1.92 -2.49 -23.76
C GLU B 31 1.36 -1.08 -23.59
N THR B 32 0.05 -1.03 -23.34
CA THR B 32 -0.64 0.23 -23.15
C THR B 32 -0.17 0.83 -21.84
N ASN B 33 0.09 0.02 -20.83
CA ASN B 33 0.64 0.55 -19.62
C ASN B 33 1.91 1.30 -19.95
N GLN B 34 2.81 0.65 -20.67
CA GLN B 34 4.07 1.25 -21.09
C GLN B 34 3.88 2.50 -21.89
N VAL B 35 2.81 2.57 -22.72
CA VAL B 35 2.65 3.69 -23.65
C VAL B 35 2.20 4.91 -22.86
N MET B 36 1.34 4.71 -21.83
CA MET B 36 0.93 5.80 -20.93
C MET B 36 2.03 6.15 -19.93
N THR B 37 2.87 5.18 -19.60
CA THR B 37 3.93 5.45 -18.64
C THR B 37 4.82 6.47 -19.34
N ALA B 38 5.33 6.13 -20.53
CA ALA B 38 6.09 7.08 -21.36
C ALA B 38 5.49 8.51 -21.49
N VAL B 39 4.18 8.64 -21.72
CA VAL B 39 3.52 9.96 -21.78
C VAL B 39 3.64 10.76 -20.47
N LEU B 40 3.48 10.08 -19.33
CA LEU B 40 3.60 10.69 -18.02
C LEU B 40 5.05 11.13 -17.71
N GLN B 41 6.03 10.24 -17.93
CA GLN B 41 7.47 10.50 -17.70
C GLN B 41 8.10 11.47 -18.70
N GLN B 42 7.27 12.06 -19.56
CA GLN B 42 7.72 12.98 -20.60
C GLN B 42 6.78 14.18 -20.73
N GLN B 43 5.89 14.35 -19.75
CA GLN B 43 5.17 15.62 -19.61
C GLN B 43 4.25 15.87 -20.85
N VAL B 44 3.89 14.77 -21.54
CA VAL B 44 3.02 14.76 -22.72
C VAL B 44 3.68 15.48 -23.91
N GLY B 45 5.00 15.39 -23.99
CA GLY B 45 5.72 15.86 -25.18
C GLY B 45 5.12 15.32 -26.47
N PRO B 46 5.49 15.95 -27.60
CA PRO B 46 5.03 15.60 -28.96
C PRO B 46 5.51 14.22 -29.47
N GLY B 47 6.58 13.71 -28.87
CA GLY B 47 7.10 12.36 -29.18
C GLY B 47 6.12 11.32 -28.64
N SER B 48 5.83 11.44 -27.34
CA SER B 48 5.06 10.41 -26.63
C SER B 48 3.61 10.32 -27.17
N VAL B 49 3.10 11.44 -27.68
CA VAL B 49 1.80 11.57 -28.30
C VAL B 49 1.69 10.84 -29.65
N ALA B 50 2.70 11.01 -30.51
CA ALA B 50 2.72 10.31 -31.77
C ALA B 50 2.61 8.81 -31.49
N SER B 51 3.30 8.36 -30.47
CA SER B 51 3.36 6.95 -30.24
C SER B 51 2.05 6.48 -29.55
N LEU B 52 1.45 7.34 -28.73
CA LEU B 52 0.14 6.99 -28.18
C LEU B 52 -0.91 6.90 -29.33
N LYS B 53 -0.78 7.81 -30.32
CA LYS B 53 -1.64 7.90 -31.47
C LYS B 53 -1.50 6.64 -32.31
N ALA B 54 -0.26 6.22 -32.59
CA ALA B 54 -0.02 5.01 -33.32
C ALA B 54 -0.62 3.83 -32.55
N HIS B 55 -0.46 3.85 -31.22
CA HIS B 55 -1.05 2.83 -30.40
C HIS B 55 -2.59 2.75 -30.47
N PHE B 56 -3.28 3.89 -30.34
CA PHE B 56 -4.71 3.87 -30.42
C PHE B 56 -5.17 3.42 -31.82
N GLU B 57 -4.52 3.97 -32.84
CA GLU B 57 -4.85 3.59 -34.22
C GLU B 57 -4.71 2.08 -34.44
N ALA B 58 -3.63 1.49 -33.91
CA ALA B 58 -3.42 0.03 -34.12
C ALA B 58 -4.25 -0.82 -33.14
N ASN B 59 -4.83 -0.17 -32.12
CA ASN B 59 -5.51 -0.87 -31.04
C ASN B 59 -6.79 -0.19 -30.73
N PRO B 60 -7.69 -0.17 -31.69
CA PRO B 60 -8.91 0.58 -31.41
C PRO B 60 -9.72 0.03 -30.21
N LYS B 61 -9.59 -1.21 -29.81
CA LYS B 61 -10.36 -1.67 -28.66
C LYS B 61 -9.92 -1.01 -27.37
N VAL B 62 -8.60 -0.81 -27.16
CA VAL B 62 -8.16 -0.12 -25.98
C VAL B 62 -8.55 1.34 -26.03
N ALA B 63 -8.58 1.96 -27.21
CA ALA B 63 -8.97 3.38 -27.27
C ALA B 63 -10.38 3.42 -26.81
N SER B 64 -11.23 2.49 -27.27
CA SER B 64 -12.61 2.59 -26.83
C SER B 64 -12.74 2.08 -25.42
N ASP B 65 -12.07 1.01 -25.04
CA ASP B 65 -12.14 0.64 -23.60
C ASP B 65 -11.76 1.80 -22.67
N LEU B 66 -10.69 2.54 -22.96
CA LEU B 66 -10.27 3.57 -21.99
C LEU B 66 -11.30 4.71 -22.00
N HIS B 67 -11.73 5.13 -23.20
CA HIS B 67 -12.82 6.09 -23.36
C HIS B 67 -14.05 5.65 -22.57
N ALA B 68 -14.49 4.44 -22.76
CA ALA B 68 -15.66 4.05 -21.93
C ALA B 68 -15.35 4.26 -20.44
N LEU B 69 -14.12 3.98 -20.01
CA LEU B 69 -13.79 4.10 -18.58
C LEU B 69 -13.84 5.54 -18.08
N SER B 70 -13.49 6.48 -18.93
CA SER B 70 -13.40 7.86 -18.48
C SER B 70 -14.77 8.52 -18.58
N GLN B 71 -15.75 7.80 -19.12
CA GLN B 71 -17.14 8.27 -19.14
C GLN B 71 -17.72 8.78 -17.83
N PRO B 72 -17.69 7.95 -16.75
CA PRO B 72 -18.45 8.46 -15.61
C PRO B 72 -18.02 9.88 -15.23
N LEU B 73 -16.84 10.28 -15.64
CA LEU B 73 -16.31 11.59 -15.30
C LEU B 73 -16.80 12.69 -16.19
N THR B 74 -17.01 12.34 -17.44
CA THR B 74 -17.53 13.30 -18.39
C THR B 74 -19.02 13.43 -18.11
N ASP B 75 -19.68 12.31 -17.88
CA ASP B 75 -21.08 12.38 -17.48
C ASP B 75 -21.21 13.25 -16.25
N LEU B 76 -20.35 13.09 -15.24
CA LEU B 76 -20.50 13.94 -14.06
C LEU B 76 -20.40 15.42 -14.38
N SER B 77 -19.49 15.78 -15.26
CA SER B 77 -19.32 17.17 -15.61
C SER B 77 -20.53 17.72 -16.38
N THR B 78 -21.05 16.91 -17.30
CA THR B 78 -22.23 17.21 -18.09
C THR B 78 -23.43 17.33 -17.19
N ARG B 79 -23.54 16.44 -16.21
CA ARG B 79 -24.63 16.44 -15.23
C ARG B 79 -24.60 17.61 -14.28
N CYS B 80 -23.41 18.17 -14.02
CA CYS B 80 -23.22 19.04 -12.85
C CYS B 80 -22.75 20.44 -13.11
N SER B 81 -22.24 20.70 -14.31
CA SER B 81 -21.54 21.95 -14.64
C SER B 81 -20.36 22.16 -13.71
N LEU B 82 -19.54 21.13 -13.58
CA LEU B 82 -18.38 21.19 -12.73
C LEU B 82 -17.15 20.91 -13.57
N PRO B 83 -16.04 21.63 -13.30
CA PRO B 83 -14.72 21.39 -13.86
C PRO B 83 -14.63 19.92 -14.23
N ILE B 84 -13.91 19.15 -13.43
CA ILE B 84 -14.07 17.70 -13.43
C ILE B 84 -13.56 17.00 -14.70
N SER B 85 -14.00 17.43 -15.88
CA SER B 85 -13.71 16.76 -17.16
C SER B 85 -12.48 17.33 -17.86
N GLY B 86 -12.01 16.64 -18.89
CA GLY B 86 -10.82 16.95 -19.71
C GLY B 86 -10.19 18.32 -19.63
N LEU B 87 -10.51 19.20 -20.57
CA LEU B 87 -9.92 20.52 -20.60
C LEU B 87 -9.96 21.20 -19.20
N GLN B 88 -11.17 21.42 -18.70
CA GLN B 88 -11.43 21.99 -17.37
C GLN B 88 -10.57 21.41 -16.22
N ALA B 89 -10.42 20.09 -16.23
CA ALA B 89 -9.79 19.37 -15.13
C ALA B 89 -8.36 19.84 -14.83
N ILE B 90 -7.56 20.04 -15.89
CA ILE B 90 -6.17 20.50 -15.72
C ILE B 90 -6.09 21.73 -14.82
N GLY B 91 -6.90 22.73 -15.15
CA GLY B 91 -7.03 23.93 -14.33
C GLY B 91 -7.47 23.60 -12.93
N LEU B 92 -8.48 22.72 -12.81
CA LEU B 92 -9.00 22.27 -11.51
C LEU B 92 -7.87 21.65 -10.67
N MET B 93 -7.18 20.67 -11.24
CA MET B 93 -6.08 19.99 -10.57
C MET B 93 -4.96 20.91 -10.10
N GLN B 94 -4.53 21.87 -10.92
CA GLN B 94 -3.55 22.80 -10.42
C GLN B 94 -4.03 23.26 -9.08
N ALA B 95 -5.23 23.86 -9.13
CA ALA B 95 -5.81 24.72 -8.09
C ALA B 95 -6.20 24.00 -6.82
N VAL B 96 -6.63 22.74 -6.94
CA VAL B 96 -6.52 21.80 -5.83
C VAL B 96 -5.00 21.86 -5.92
N GLN B 97 -4.46 23.00 -5.48
CA GLN B 97 -3.02 23.29 -5.50
C GLN B 97 -2.61 22.90 -4.07
N GLY B 98 -3.54 23.03 -3.12
CA GLY B 98 -3.31 22.53 -1.78
C GLY B 98 -2.96 23.89 -1.21
N ASP C 4 25.82 22.28 -34.41
CA ASP C 4 24.77 22.15 -35.43
C ASP C 4 23.54 22.96 -35.17
N PRO C 5 22.59 22.92 -36.10
CA PRO C 5 21.37 23.71 -35.87
C PRO C 5 20.25 22.94 -35.14
N CYS C 6 20.54 21.74 -34.64
CA CYS C 6 19.58 20.96 -33.87
C CYS C 6 20.01 20.90 -32.41
N ALA C 7 21.01 21.68 -32.04
CA ALA C 7 21.49 21.61 -30.68
C ALA C 7 20.50 22.34 -29.75
N ALA C 8 20.62 22.06 -28.46
CA ALA C 8 19.91 22.83 -27.42
C ALA C 8 20.07 24.33 -27.57
N SER C 9 21.25 24.80 -28.01
CA SER C 9 21.42 26.27 -28.20
C SER C 9 20.39 26.69 -29.20
N GLU C 10 20.20 25.92 -30.25
CA GLU C 10 19.25 26.32 -31.30
C GLU C 10 17.80 26.24 -30.87
N VAL C 11 17.46 25.27 -30.07
CA VAL C 11 16.08 25.26 -29.63
C VAL C 11 15.81 26.35 -28.64
N ALA C 12 16.72 26.60 -27.70
CA ALA C 12 16.62 27.77 -26.83
C ALA C 12 16.42 29.04 -27.66
N ARG C 13 17.19 29.21 -28.73
CA ARG C 13 17.10 30.46 -29.49
C ARG C 13 15.75 30.52 -30.16
N THR C 14 15.35 29.40 -30.77
CA THR C 14 14.04 29.34 -31.40
C THR C 14 12.95 29.66 -30.39
N VAL C 15 13.03 29.02 -29.21
CA VAL C 15 12.02 29.24 -28.18
C VAL C 15 11.99 30.75 -27.89
N GLY C 16 13.15 31.35 -27.98
CA GLY C 16 13.28 32.75 -27.57
C GLY C 16 12.70 33.68 -28.62
N SER C 17 12.67 33.28 -29.86
CA SER C 17 12.07 34.20 -30.74
C SER C 17 10.54 33.98 -30.83
N VAL C 18 10.12 32.76 -30.61
CA VAL C 18 8.73 32.50 -30.46
C VAL C 18 8.16 33.29 -29.31
N ALA C 19 8.72 33.12 -28.13
CA ALA C 19 8.22 33.87 -26.96
C ALA C 19 8.22 35.39 -27.17
N LYS C 20 9.30 35.93 -27.69
CA LYS C 20 9.32 37.36 -27.93
C LYS C 20 8.23 37.74 -28.89
N SER C 21 8.05 36.98 -29.95
CA SER C 21 7.07 37.43 -30.89
C SER C 21 5.68 37.14 -30.35
N MET C 22 5.49 36.10 -29.53
CA MET C 22 4.22 36.03 -28.78
C MET C 22 3.96 37.22 -27.83
N GLY C 23 5.02 37.76 -27.22
CA GLY C 23 4.86 38.96 -26.41
C GLY C 23 4.43 40.14 -27.30
N ASP C 24 5.08 40.33 -28.44
CA ASP C 24 4.64 41.35 -29.40
C ASP C 24 3.17 41.16 -29.83
N TYR C 25 2.73 39.93 -30.09
CA TYR C 25 1.36 39.69 -30.52
C TYR C 25 0.38 40.06 -29.44
N LEU C 26 0.65 39.68 -28.20
CA LEU C 26 -0.29 39.97 -27.08
C LEU C 26 -0.26 41.44 -26.82
N ASP C 27 0.93 42.00 -26.96
CA ASP C 27 1.03 43.40 -26.69
C ASP C 27 0.17 44.17 -27.70
N SER C 28 0.05 43.57 -28.88
CA SER C 28 -0.70 44.20 -29.85
C SER C 28 -2.13 43.72 -29.93
N HIS C 29 -2.54 42.80 -29.07
CA HIS C 29 -3.93 42.31 -29.03
C HIS C 29 -4.41 42.21 -27.61
N PRO C 30 -4.72 43.36 -26.99
CA PRO C 30 -5.01 43.46 -25.52
C PRO C 30 -6.14 42.58 -24.98
N GLU C 31 -7.00 42.07 -25.82
CA GLU C 31 -8.10 41.21 -25.34
C GLU C 31 -7.55 39.79 -25.20
N THR C 32 -6.61 39.44 -26.04
CA THR C 32 -5.87 38.22 -25.87
C THR C 32 -4.91 38.37 -24.68
N ASN C 33 -4.25 39.53 -24.57
CA ASN C 33 -3.43 39.76 -23.39
C ASN C 33 -4.26 39.64 -22.10
N GLN C 34 -5.47 40.21 -22.13
CA GLN C 34 -6.32 40.30 -20.92
C GLN C 34 -6.63 38.86 -20.49
N VAL C 35 -7.24 38.10 -21.40
CA VAL C 35 -7.51 36.72 -21.10
C VAL C 35 -6.28 35.97 -20.68
N MET C 36 -5.13 36.26 -21.26
CA MET C 36 -3.96 35.49 -20.85
C MET C 36 -3.39 35.91 -19.52
N THR C 37 -3.52 37.18 -19.20
CA THR C 37 -3.03 37.68 -17.94
C THR C 37 -3.89 37.14 -16.82
N ALA C 38 -5.21 37.34 -16.95
CA ALA C 38 -6.18 36.72 -16.04
C ALA C 38 -5.77 35.26 -15.77
N VAL C 39 -5.56 34.43 -16.79
CA VAL C 39 -5.08 33.06 -16.55
C VAL C 39 -3.82 33.00 -15.69
N LEU C 40 -2.79 33.80 -15.99
CA LEU C 40 -1.65 33.86 -15.06
C LEU C 40 -2.04 34.31 -13.62
N GLN C 41 -2.95 35.28 -13.51
CA GLN C 41 -3.30 35.99 -12.28
C GLN C 41 -4.18 35.17 -11.38
N GLN C 42 -5.15 34.51 -12.00
CA GLN C 42 -6.08 33.65 -11.31
C GLN C 42 -5.42 32.29 -11.07
N GLN C 43 -4.17 32.13 -11.50
CA GLN C 43 -3.35 30.96 -11.17
C GLN C 43 -3.69 29.71 -12.00
N VAL C 44 -4.04 29.89 -13.27
CA VAL C 44 -4.62 28.81 -14.09
C VAL C 44 -5.81 28.16 -13.38
N GLY C 45 -6.79 28.99 -13.03
CA GLY C 45 -8.06 28.52 -12.49
C GLY C 45 -8.94 27.89 -13.54
N PRO C 46 -9.89 27.05 -13.12
CA PRO C 46 -10.91 26.56 -14.05
C PRO C 46 -11.60 27.68 -14.86
N GLY C 47 -11.93 28.80 -14.22
CA GLY C 47 -12.68 29.86 -14.91
C GLY C 47 -11.95 30.57 -16.05
N SER C 48 -10.74 31.03 -15.74
CA SER C 48 -9.80 31.52 -16.72
C SER C 48 -9.67 30.64 -17.96
N VAL C 49 -9.82 29.32 -17.77
CA VAL C 49 -9.67 28.38 -18.86
C VAL C 49 -10.88 28.33 -19.78
N ALA C 50 -12.06 28.36 -19.17
CA ALA C 50 -13.27 28.58 -19.89
C ALA C 50 -13.23 29.90 -20.63
N SER C 51 -12.56 30.91 -20.07
CA SER C 51 -12.47 32.22 -20.76
C SER C 51 -11.52 32.13 -21.89
N LEU C 52 -10.44 31.39 -21.70
CA LEU C 52 -9.55 31.09 -22.79
C LEU C 52 -10.29 30.44 -23.91
N LYS C 53 -10.98 29.35 -23.61
CA LYS C 53 -11.68 28.66 -24.69
C LYS C 53 -12.67 29.58 -25.44
N ALA C 54 -13.40 30.42 -24.69
CA ALA C 54 -14.42 31.25 -25.31
C ALA C 54 -13.78 32.37 -26.12
N HIS C 55 -12.60 32.76 -25.66
CA HIS C 55 -11.90 33.77 -26.37
C HIS C 55 -11.48 33.28 -27.72
N PHE C 56 -10.89 32.07 -27.74
CA PHE C 56 -10.46 31.40 -28.96
C PHE C 56 -11.67 31.08 -29.83
N GLU C 57 -12.81 30.86 -29.24
CA GLU C 57 -13.92 30.43 -30.05
C GLU C 57 -14.47 31.63 -30.77
N ALA C 58 -14.70 32.73 -30.05
CA ALA C 58 -15.10 34.02 -30.66
C ALA C 58 -14.04 34.68 -31.61
N ASN C 59 -12.86 34.06 -31.69
CA ASN C 59 -11.73 34.68 -32.38
C ASN C 59 -10.82 33.60 -32.93
N PRO C 60 -11.28 32.84 -33.95
CA PRO C 60 -10.47 31.78 -34.59
C PRO C 60 -9.18 32.30 -35.26
N LYS C 61 -9.20 33.57 -35.66
CA LYS C 61 -8.03 34.33 -36.04
C LYS C 61 -6.99 34.25 -34.92
N VAL C 62 -7.41 34.45 -33.67
CA VAL C 62 -6.41 34.31 -32.59
C VAL C 62 -5.80 32.94 -32.55
N ALA C 63 -6.59 31.88 -32.73
CA ALA C 63 -5.99 30.51 -32.62
C ALA C 63 -5.09 30.18 -33.78
N SER C 64 -5.52 30.60 -34.96
CA SER C 64 -4.72 30.50 -36.17
C SER C 64 -3.40 31.33 -36.09
N ASP C 65 -3.43 32.51 -35.44
CA ASP C 65 -2.21 33.35 -35.26
C ASP C 65 -1.26 32.70 -34.26
N LEU C 66 -1.82 32.25 -33.17
CA LEU C 66 -1.05 31.58 -32.17
C LEU C 66 -0.34 30.40 -32.76
N HIS C 67 -1.10 29.53 -33.46
CA HIS C 67 -0.49 28.48 -34.29
C HIS C 67 0.68 28.95 -35.17
N ALA C 68 0.54 30.07 -35.87
CA ALA C 68 1.64 30.55 -36.70
C ALA C 68 2.86 31.01 -35.92
N LEU C 69 2.65 31.70 -34.81
CA LEU C 69 3.80 32.19 -34.00
C LEU C 69 4.69 31.04 -33.54
N SER C 70 4.09 29.86 -33.25
CA SER C 70 4.92 28.73 -32.78
C SER C 70 5.55 27.95 -33.90
N GLN C 71 5.17 28.30 -35.13
CA GLN C 71 5.61 27.52 -36.30
C GLN C 71 7.14 27.32 -36.36
N PRO C 72 7.98 28.34 -35.96
CA PRO C 72 9.43 28.07 -35.99
C PRO C 72 9.86 26.84 -35.14
N LEU C 73 9.03 26.45 -34.20
CA LEU C 73 9.36 25.35 -33.32
C LEU C 73 9.16 24.02 -34.08
N THR C 74 7.99 23.94 -34.71
CA THR C 74 7.55 22.80 -35.50
C THR C 74 8.55 22.55 -36.63
N ASP C 75 8.97 23.62 -37.31
CA ASP C 75 10.04 23.57 -38.35
C ASP C 75 11.36 22.95 -37.81
N LEU C 76 11.86 23.52 -36.69
CA LEU C 76 12.96 22.95 -35.95
C LEU C 76 12.73 21.48 -35.61
N SER C 77 11.66 21.20 -34.86
CA SER C 77 11.21 19.84 -34.66
C SER C 77 11.37 18.93 -35.89
N THR C 78 10.87 19.37 -37.05
CA THR C 78 10.95 18.54 -38.27
C THR C 78 12.32 18.50 -38.94
N ARG C 79 13.07 19.60 -38.94
CA ARG C 79 14.45 19.60 -39.48
C ARG C 79 15.34 18.67 -38.65
N CYS C 80 14.95 18.56 -37.39
CA CYS C 80 15.67 17.72 -36.42
C CYS C 80 14.79 16.60 -35.87
N SER C 81 13.48 16.90 -35.79
CA SER C 81 12.46 16.11 -35.08
C SER C 81 12.75 15.64 -33.64
N LEU C 82 12.63 16.58 -32.71
CA LEU C 82 12.48 16.25 -31.30
C LEU C 82 11.08 16.70 -30.92
N PRO C 83 10.24 17.01 -31.94
CA PRO C 83 9.29 18.13 -31.94
C PRO C 83 8.96 18.75 -30.58
N ILE C 84 9.91 18.67 -29.64
CA ILE C 84 9.80 19.21 -28.30
C ILE C 84 9.08 20.55 -28.26
N SER C 85 8.33 20.79 -27.21
CA SER C 85 7.46 21.97 -27.13
C SER C 85 8.05 22.97 -26.15
N GLY C 86 7.40 24.14 -26.02
CA GLY C 86 7.67 25.13 -24.94
C GLY C 86 7.64 24.42 -23.58
N LEU C 87 6.68 23.52 -23.43
CA LEU C 87 6.58 22.63 -22.28
C LEU C 87 7.85 21.83 -22.00
N GLN C 88 8.41 21.21 -23.06
CA GLN C 88 9.60 20.37 -22.91
C GLN C 88 10.73 21.28 -22.42
N ALA C 89 10.74 22.49 -23.00
CA ALA C 89 11.64 23.56 -22.65
C ALA C 89 11.44 23.94 -21.18
N ILE C 90 10.18 24.09 -20.76
CA ILE C 90 9.91 24.38 -19.36
C ILE C 90 10.30 23.18 -18.49
N GLY C 91 10.00 21.98 -18.99
CA GLY C 91 10.46 20.74 -18.36
C GLY C 91 11.94 20.78 -18.02
N LEU C 92 12.77 21.03 -19.03
CA LEU C 92 14.21 21.09 -18.86
C LEU C 92 14.68 22.17 -17.87
N MET C 93 13.97 23.31 -17.84
CA MET C 93 14.29 24.37 -16.89
C MET C 93 14.06 23.83 -15.48
N GLN C 94 12.84 23.35 -15.24
CA GLN C 94 12.49 22.68 -13.97
C GLN C 94 13.52 21.63 -13.63
N ALA C 95 14.01 20.91 -14.64
CA ALA C 95 15.03 19.86 -14.41
C ALA C 95 16.39 20.40 -13.85
N VAL C 96 16.85 21.52 -14.43
CA VAL C 96 17.98 22.27 -13.90
C VAL C 96 17.71 22.73 -12.42
N GLN C 97 16.64 23.52 -12.19
CA GLN C 97 16.30 23.99 -10.84
C GLN C 97 16.40 22.80 -9.90
N GLY C 98 15.61 21.75 -10.11
CA GLY C 98 15.71 20.52 -9.27
C GLY C 98 17.11 19.99 -9.04
N ALA C 99 18.00 20.19 -10.03
CA ALA C 99 19.40 19.71 -9.90
C ALA C 99 20.21 20.65 -8.98
N ARG C 100 19.91 21.94 -9.15
CA ARG C 100 20.43 23.03 -8.33
C ARG C 100 20.08 22.82 -6.89
N CYS D 6 3.05 42.31 -15.01
CA CYS D 6 2.96 40.85 -14.84
C CYS D 6 2.04 40.33 -15.90
N ALA D 7 1.75 41.20 -16.88
CA ALA D 7 1.00 40.82 -18.04
C ALA D 7 1.69 39.65 -18.76
N ALA D 8 0.86 38.74 -19.27
CA ALA D 8 1.26 37.71 -20.22
C ALA D 8 2.27 38.22 -21.26
N SER D 9 2.05 39.40 -21.82
CA SER D 9 2.99 39.90 -22.84
C SER D 9 4.40 40.13 -22.28
N GLU D 10 4.50 40.69 -21.07
CA GLU D 10 5.77 40.82 -20.37
C GLU D 10 6.37 39.49 -19.86
N VAL D 11 5.56 38.56 -19.36
CA VAL D 11 6.21 37.30 -19.09
C VAL D 11 6.75 36.67 -20.35
N ALA D 12 5.97 36.72 -21.43
CA ALA D 12 6.45 36.21 -22.69
C ALA D 12 7.73 36.88 -23.15
N ARG D 13 7.84 38.19 -22.97
CA ARG D 13 9.08 38.87 -23.38
C ARG D 13 10.26 38.50 -22.50
N THR D 14 10.04 38.44 -21.20
CA THR D 14 11.08 37.97 -20.27
C THR D 14 11.49 36.54 -20.66
N VAL D 15 10.50 35.66 -20.86
CA VAL D 15 10.82 34.29 -21.18
C VAL D 15 11.62 34.37 -22.48
N GLY D 16 11.22 35.32 -23.34
CA GLY D 16 11.87 35.48 -24.63
C GLY D 16 13.33 35.81 -24.44
N SER D 17 13.67 36.72 -23.55
CA SER D 17 15.03 37.17 -23.62
C SER D 17 15.99 36.29 -22.83
N VAL D 18 15.45 35.67 -21.79
CA VAL D 18 16.16 34.69 -20.99
C VAL D 18 16.52 33.52 -21.87
N ALA D 19 15.53 32.89 -22.48
CA ALA D 19 15.76 31.79 -23.43
C ALA D 19 16.81 32.10 -24.52
N LYS D 20 16.80 33.30 -25.07
CA LYS D 20 17.80 33.66 -26.06
C LYS D 20 19.21 33.77 -25.43
N SER D 21 19.27 34.22 -24.17
CA SER D 21 20.61 34.39 -23.55
C SER D 21 21.19 33.02 -23.17
N MET D 22 20.34 32.11 -22.76
CA MET D 22 20.70 30.73 -22.60
C MET D 22 21.24 30.14 -23.89
N GLY D 23 20.57 30.43 -25.00
CA GLY D 23 21.03 29.94 -26.29
C GLY D 23 22.43 30.43 -26.61
N ASP D 24 22.64 31.75 -26.66
CA ASP D 24 23.95 32.33 -26.88
C ASP D 24 24.94 31.70 -25.94
N TYR D 25 24.56 31.53 -24.68
CA TYR D 25 25.46 30.90 -23.72
C TYR D 25 25.86 29.49 -24.10
N LEU D 26 24.89 28.61 -24.28
CA LEU D 26 25.12 27.24 -24.75
C LEU D 26 25.95 27.21 -26.03
N ASP D 27 25.71 28.18 -26.89
CA ASP D 27 26.40 28.23 -28.16
C ASP D 27 27.89 28.35 -28.00
N SER D 28 28.31 29.07 -26.98
CA SER D 28 29.72 29.22 -26.67
C SER D 28 30.21 28.21 -25.60
N HIS D 29 29.36 27.28 -25.17
CA HIS D 29 29.76 26.23 -24.22
C HIS D 29 29.38 24.87 -24.72
N PRO D 30 30.10 24.44 -25.79
CA PRO D 30 29.72 23.30 -26.59
C PRO D 30 29.40 22.12 -25.72
N GLU D 31 30.18 21.92 -24.67
CA GLU D 31 30.02 20.74 -23.85
C GLU D 31 28.72 20.78 -23.00
N THR D 32 28.46 21.94 -22.43
CA THR D 32 27.16 22.12 -21.80
C THR D 32 26.06 22.01 -22.86
N ASN D 33 26.41 22.41 -24.07
CA ASN D 33 25.42 22.40 -25.16
C ASN D 33 24.91 20.99 -25.46
N GLN D 34 25.84 20.06 -25.51
CA GLN D 34 25.56 18.66 -25.81
C GLN D 34 24.90 17.92 -24.60
N VAL D 35 25.26 18.23 -23.37
CA VAL D 35 24.56 17.62 -22.25
C VAL D 35 23.07 17.99 -22.40
N MET D 36 22.79 19.29 -22.62
CA MET D 36 21.38 19.74 -22.73
C MET D 36 20.71 19.10 -23.91
N THR D 37 21.45 18.94 -24.98
CA THR D 37 20.95 18.41 -26.19
C THR D 37 20.50 16.97 -25.95
N ALA D 38 21.35 16.19 -25.30
CA ALA D 38 20.99 14.79 -24.99
C ALA D 38 19.72 14.73 -24.09
N VAL D 39 19.60 15.65 -23.13
CA VAL D 39 18.41 15.63 -22.31
C VAL D 39 17.11 15.79 -23.14
N LEU D 40 17.04 16.83 -24.00
CA LEU D 40 15.91 16.98 -24.97
C LEU D 40 15.63 15.73 -25.82
N GLN D 41 16.67 15.10 -26.35
CA GLN D 41 16.49 13.90 -27.17
C GLN D 41 15.97 12.78 -26.29
N GLN D 42 16.36 12.73 -25.03
CA GLN D 42 15.77 11.74 -24.11
C GLN D 42 14.37 12.18 -23.79
N GLN D 43 13.91 13.26 -24.41
CA GLN D 43 12.60 13.83 -24.11
C GLN D 43 12.51 14.26 -22.64
N VAL D 44 13.67 14.49 -22.02
CA VAL D 44 13.73 15.03 -20.65
C VAL D 44 13.16 14.01 -19.64
N GLY D 45 13.51 12.75 -19.82
CA GLY D 45 13.00 11.71 -18.97
C GLY D 45 13.99 11.33 -17.90
N PRO D 46 14.02 10.05 -17.51
CA PRO D 46 14.95 9.35 -16.62
C PRO D 46 16.00 10.08 -15.78
N GLY D 47 17.24 9.65 -15.88
CA GLY D 47 18.30 10.40 -15.21
C GLY D 47 18.67 11.64 -16.04
N SER D 48 17.68 12.44 -16.42
CA SER D 48 17.97 13.66 -17.10
C SER D 48 18.29 14.68 -16.00
N VAL D 49 17.60 14.58 -14.88
CA VAL D 49 18.03 15.29 -13.66
C VAL D 49 19.42 14.84 -13.20
N ALA D 50 19.66 13.53 -13.25
CA ALA D 50 20.88 12.97 -12.72
C ALA D 50 22.07 13.38 -13.58
N SER D 51 21.93 13.29 -14.89
CA SER D 51 23.08 13.62 -15.70
C SER D 51 23.38 15.12 -15.65
N LEU D 52 22.37 15.91 -15.24
CA LEU D 52 22.51 17.34 -15.14
C LEU D 52 23.33 17.66 -13.92
N LYS D 53 23.03 16.99 -12.79
CA LYS D 53 23.81 17.14 -11.57
C LYS D 53 25.27 16.74 -11.82
N ALA D 54 25.47 15.67 -12.59
CA ALA D 54 26.82 15.13 -12.79
C ALA D 54 27.62 16.16 -13.56
N HIS D 55 26.94 16.88 -14.43
CA HIS D 55 27.62 17.88 -15.21
C HIS D 55 27.88 19.18 -14.43
N PHE D 56 26.97 19.52 -13.52
CA PHE D 56 27.08 20.70 -12.69
C PHE D 56 28.09 20.54 -11.54
N GLU D 57 28.43 19.29 -11.17
CA GLU D 57 29.34 19.03 -10.05
C GLU D 57 30.75 19.19 -10.57
N ALA D 58 30.87 18.94 -11.86
CA ALA D 58 32.14 18.99 -12.55
C ALA D 58 32.34 20.41 -13.06
N ASN D 59 31.21 21.11 -13.25
CA ASN D 59 31.18 22.44 -13.81
C ASN D 59 30.31 23.44 -13.01
N PRO D 60 30.77 23.82 -11.80
CA PRO D 60 30.16 24.85 -10.99
C PRO D 60 30.04 26.22 -11.67
N LYS D 61 31.00 26.61 -12.51
CA LYS D 61 30.88 27.93 -13.13
C LYS D 61 29.75 27.95 -14.19
N VAL D 62 29.65 26.90 -15.00
CA VAL D 62 28.47 26.83 -15.81
C VAL D 62 27.20 26.74 -14.97
N ALA D 63 27.17 25.96 -13.90
CA ALA D 63 25.94 25.90 -13.08
C ALA D 63 25.59 27.33 -12.70
N SER D 64 26.58 28.07 -12.25
CA SER D 64 26.28 29.40 -11.74
C SER D 64 26.01 30.39 -12.84
N ASP D 65 26.71 30.29 -13.95
CA ASP D 65 26.38 31.15 -15.10
C ASP D 65 24.90 30.99 -15.51
N LEU D 66 24.40 29.75 -15.52
CA LEU D 66 23.01 29.53 -16.04
C LEU D 66 21.96 30.08 -15.07
N HIS D 67 22.20 29.93 -13.76
CA HIS D 67 21.34 30.50 -12.73
C HIS D 67 21.24 32.02 -12.93
N ALA D 68 22.37 32.68 -13.17
CA ALA D 68 22.32 34.14 -13.24
C ALA D 68 21.47 34.48 -14.44
N LEU D 69 21.70 33.82 -15.56
CA LEU D 69 20.91 34.11 -16.76
C LEU D 69 19.41 33.85 -16.58
N SER D 70 19.07 32.95 -15.70
CA SER D 70 17.67 32.62 -15.45
C SER D 70 17.02 33.55 -14.37
N GLN D 71 17.84 34.32 -13.66
CA GLN D 71 17.30 35.30 -12.70
C GLN D 71 16.04 36.09 -13.12
N PRO D 72 16.09 36.83 -14.24
CA PRO D 72 14.91 37.63 -14.61
C PRO D 72 13.64 36.81 -14.49
N LEU D 73 13.71 35.57 -14.96
CA LEU D 73 12.58 34.69 -14.92
C LEU D 73 12.10 34.31 -13.53
N THR D 74 13.01 33.87 -12.65
CA THR D 74 12.62 33.56 -11.27
C THR D 74 12.25 34.84 -10.49
N ASP D 75 12.89 35.96 -10.82
CA ASP D 75 12.50 37.26 -10.30
C ASP D 75 11.06 37.63 -10.66
N LEU D 76 10.72 37.56 -11.94
CA LEU D 76 9.32 37.78 -12.34
C LEU D 76 8.42 36.76 -11.65
N SER D 77 8.86 35.50 -11.62
CA SER D 77 8.07 34.44 -11.00
C SER D 77 7.67 34.78 -9.58
N THR D 78 8.59 35.35 -8.79
CA THR D 78 8.23 35.87 -7.47
C THR D 78 7.38 37.15 -7.54
N ARG D 79 7.87 38.17 -8.26
CA ARG D 79 7.16 39.45 -8.38
C ARG D 79 5.68 39.30 -8.63
N CYS D 80 5.29 38.26 -9.35
CA CYS D 80 3.90 38.02 -9.73
C CYS D 80 3.26 36.79 -9.12
N SER D 81 3.38 35.67 -9.80
CA SER D 81 2.96 34.40 -9.25
C SER D 81 3.45 33.20 -10.06
N LEU D 82 2.87 32.06 -9.72
CA LEU D 82 2.84 30.95 -10.62
C LEU D 82 4.17 30.23 -10.64
N PRO D 83 4.90 30.07 -9.60
CA PRO D 83 5.81 29.03 -9.13
C PRO D 83 6.17 28.05 -10.26
N ILE D 84 5.98 28.57 -11.48
CA ILE D 84 6.39 28.00 -12.77
C ILE D 84 5.58 26.77 -13.21
N SER D 85 4.73 26.25 -12.31
CA SER D 85 3.81 25.14 -12.60
C SER D 85 2.62 25.65 -13.40
N GLY D 86 2.44 26.98 -13.41
CA GLY D 86 1.31 27.62 -14.08
C GLY D 86 1.57 27.89 -15.57
N LEU D 87 2.82 28.23 -15.89
CA LEU D 87 3.27 28.14 -17.26
C LEU D 87 3.20 26.68 -17.75
N GLN D 88 3.56 25.73 -16.86
CA GLN D 88 3.44 24.31 -17.14
C GLN D 88 2.02 23.95 -17.49
N ALA D 89 1.11 24.42 -16.63
CA ALA D 89 -0.31 24.15 -16.74
C ALA D 89 -0.88 24.59 -18.08
N ILE D 90 -0.42 25.75 -18.58
CA ILE D 90 -0.88 26.26 -19.87
C ILE D 90 -0.34 25.36 -20.96
N GLY D 91 0.93 24.98 -20.79
CA GLY D 91 1.63 24.09 -21.71
C GLY D 91 0.97 22.73 -21.73
N LEU D 92 0.50 22.29 -20.56
CA LEU D 92 -0.18 21.02 -20.47
C LEU D 92 -1.48 21.03 -21.25
N MET D 93 -2.18 22.17 -21.26
CA MET D 93 -3.46 22.33 -21.96
C MET D 93 -3.31 22.38 -23.46
N GLN D 94 -2.27 23.09 -23.88
CA GLN D 94 -1.87 23.13 -25.27
C GLN D 94 -1.58 21.69 -25.72
N ALA D 95 -0.72 21.01 -24.98
CA ALA D 95 -0.37 19.60 -25.30
C ALA D 95 -1.56 18.65 -25.40
N VAL D 96 -2.63 18.86 -24.63
CA VAL D 96 -3.78 17.94 -24.60
C VAL D 96 -4.75 18.36 -25.70
N GLN D 97 -4.61 19.61 -26.15
CA GLN D 97 -5.46 20.08 -27.27
C GLN D 97 -4.86 19.53 -28.57
N GLY D 98 -3.52 19.63 -28.67
CA GLY D 98 -2.74 18.92 -29.71
C GLY D 98 -3.12 17.44 -29.77
N ALA D 99 -2.76 16.70 -28.71
CA ALA D 99 -3.25 15.32 -28.56
C ALA D 99 -4.70 15.23 -29.02
N ASP E 4 0.40 -49.95 4.68
CA ASP E 4 1.12 -48.64 4.57
C ASP E 4 1.37 -48.07 5.96
N PRO E 5 2.63 -48.00 6.33
CA PRO E 5 2.96 -47.82 7.75
C PRO E 5 2.30 -46.62 8.49
N CYS E 6 3.03 -45.53 8.32
CA CYS E 6 3.07 -44.37 9.09
C CYS E 6 3.27 -43.48 7.85
N ALA E 7 2.65 -43.94 6.76
CA ALA E 7 2.62 -43.22 5.53
C ALA E 7 1.75 -41.98 5.73
N ALA E 8 2.08 -40.90 5.04
CA ALA E 8 1.19 -39.68 5.02
C ALA E 8 -0.29 -39.95 4.75
N SER E 9 -0.63 -40.89 3.89
CA SER E 9 -2.06 -41.26 3.71
C SER E 9 -2.67 -41.76 5.02
N GLU E 10 -1.97 -42.65 5.72
CA GLU E 10 -2.50 -43.05 7.04
C GLU E 10 -2.54 -41.96 8.10
N VAL E 11 -1.60 -41.02 8.06
CA VAL E 11 -1.71 -39.91 9.03
C VAL E 11 -2.86 -39.04 8.64
N ALA E 12 -2.98 -38.75 7.36
CA ALA E 12 -4.12 -37.98 6.95
C ALA E 12 -5.42 -38.72 7.28
N ARG E 13 -5.55 -39.99 6.97
CA ARG E 13 -6.83 -40.70 7.31
C ARG E 13 -7.12 -40.69 8.80
N THR E 14 -6.06 -40.85 9.61
CA THR E 14 -6.22 -40.90 11.05
C THR E 14 -6.57 -39.48 11.56
N VAL E 15 -5.94 -38.42 11.01
CA VAL E 15 -6.38 -37.06 11.37
C VAL E 15 -7.83 -36.91 10.98
N GLY E 16 -8.26 -37.67 9.96
CA GLY E 16 -9.52 -37.42 9.29
C GLY E 16 -10.60 -38.06 10.09
N SER E 17 -10.37 -39.26 10.62
CA SER E 17 -11.45 -39.84 11.40
C SER E 17 -11.55 -39.28 12.79
N VAL E 18 -10.43 -38.85 13.39
CA VAL E 18 -10.48 -38.27 14.72
C VAL E 18 -11.33 -37.00 14.77
N ALA E 19 -10.93 -36.02 13.96
CA ALA E 19 -11.62 -34.75 13.71
C ALA E 19 -13.08 -34.95 13.34
N LYS E 20 -13.32 -35.98 12.53
CA LYS E 20 -14.67 -36.40 12.24
C LYS E 20 -15.35 -36.74 13.54
N SER E 21 -14.79 -37.71 14.27
CA SER E 21 -15.48 -38.13 15.46
C SER E 21 -15.61 -37.00 16.51
N MET E 22 -14.66 -36.08 16.49
CA MET E 22 -14.80 -34.86 17.32
C MET E 22 -15.98 -33.97 16.88
N GLY E 23 -16.00 -33.58 15.60
CA GLY E 23 -17.16 -32.91 14.99
C GLY E 23 -18.52 -33.48 15.40
N ASP E 24 -18.68 -34.78 15.22
CA ASP E 24 -19.95 -35.42 15.60
C ASP E 24 -20.23 -35.29 17.09
N TYR E 25 -19.22 -35.56 17.90
CA TYR E 25 -19.38 -35.46 19.29
C TYR E 25 -19.82 -34.07 19.67
N LEU E 26 -19.19 -33.04 19.11
CA LEU E 26 -19.51 -31.68 19.45
C LEU E 26 -20.86 -31.31 18.92
N ASP E 27 -21.24 -31.85 17.80
CA ASP E 27 -22.55 -31.52 17.30
C ASP E 27 -23.64 -31.95 18.32
N SER E 28 -23.54 -33.17 18.85
CA SER E 28 -24.54 -33.70 19.74
C SER E 28 -24.35 -33.22 21.17
N HIS E 29 -23.23 -32.52 21.44
CA HIS E 29 -22.99 -31.94 22.76
C HIS E 29 -22.92 -30.43 22.69
N PRO E 30 -24.10 -29.77 22.50
CA PRO E 30 -24.17 -28.31 22.18
C PRO E 30 -23.45 -27.34 23.15
N GLU E 31 -23.48 -27.61 24.43
CA GLU E 31 -22.79 -26.68 25.36
C GLU E 31 -21.28 -26.76 25.18
N THR E 32 -20.80 -28.00 25.04
CA THR E 32 -19.41 -28.25 24.83
C THR E 32 -19.04 -27.73 23.48
N ASN E 33 -19.92 -27.87 22.49
CA ASN E 33 -19.66 -27.26 21.20
C ASN E 33 -19.38 -25.76 21.40
N GLN E 34 -20.25 -25.09 22.17
CA GLN E 34 -20.13 -23.67 22.46
C GLN E 34 -18.82 -23.33 23.14
N VAL E 35 -18.32 -24.22 24.01
CA VAL E 35 -17.14 -23.94 24.83
C VAL E 35 -15.89 -24.08 23.96
N MET E 36 -15.90 -25.03 23.02
CA MET E 36 -14.81 -25.14 22.08
C MET E 36 -14.85 -24.03 21.04
N THR E 37 -16.06 -23.64 20.61
CA THR E 37 -16.16 -22.60 19.64
C THR E 37 -15.45 -21.40 20.27
N ALA E 38 -15.93 -20.95 21.44
CA ALA E 38 -15.32 -19.81 22.16
C ALA E 38 -13.77 -19.89 22.26
N VAL E 39 -13.22 -21.07 22.51
CA VAL E 39 -11.76 -21.21 22.48
C VAL E 39 -11.23 -20.84 21.08
N LEU E 40 -11.81 -21.43 20.01
CA LEU E 40 -11.42 -21.17 18.63
C LEU E 40 -11.53 -19.66 18.23
N GLN E 41 -12.70 -19.05 18.42
CA GLN E 41 -12.91 -17.62 18.21
C GLN E 41 -12.06 -16.65 19.02
N GLN E 42 -11.16 -17.16 19.86
CA GLN E 42 -10.33 -16.35 20.76
C GLN E 42 -8.86 -16.84 20.84
N GLN E 43 -8.44 -17.72 19.92
CA GLN E 43 -7.02 -18.12 19.88
C GLN E 43 -6.53 -18.73 21.23
N VAL E 44 -7.43 -19.38 21.94
CA VAL E 44 -7.11 -19.99 23.23
C VAL E 44 -6.63 -18.93 24.26
N GLY E 45 -7.35 -17.82 24.34
CA GLY E 45 -7.18 -16.88 25.43
C GLY E 45 -7.30 -17.57 26.78
N PRO E 46 -6.71 -16.97 27.83
CA PRO E 46 -6.71 -17.52 29.17
C PRO E 46 -8.12 -17.45 29.78
N GLY E 47 -8.97 -16.62 29.20
CA GLY E 47 -10.38 -16.50 29.60
C GLY E 47 -11.13 -17.75 29.17
N SER E 48 -10.88 -18.17 27.92
CA SER E 48 -11.64 -19.26 27.33
C SER E 48 -11.11 -20.64 27.81
N VAL E 49 -9.88 -20.68 28.31
CA VAL E 49 -9.28 -21.84 28.93
C VAL E 49 -9.86 -22.03 30.37
N ALA E 50 -10.02 -20.93 31.11
CA ALA E 50 -10.60 -21.02 32.42
C ALA E 50 -11.99 -21.60 32.31
N SER E 51 -12.68 -21.32 31.20
CA SER E 51 -14.06 -21.76 31.10
C SER E 51 -14.08 -23.17 30.49
N LEU E 52 -13.07 -23.50 29.73
CA LEU E 52 -12.94 -24.89 29.28
C LEU E 52 -12.64 -25.78 30.52
N LYS E 53 -11.74 -25.29 31.38
CA LYS E 53 -11.26 -25.97 32.56
C LYS E 53 -12.47 -26.27 33.48
N ALA E 54 -13.26 -25.23 33.75
CA ALA E 54 -14.47 -25.39 34.55
C ALA E 54 -15.45 -26.35 33.88
N HIS E 55 -15.54 -26.30 32.55
CA HIS E 55 -16.36 -27.22 31.88
C HIS E 55 -15.93 -28.70 32.08
N PHE E 56 -14.65 -28.99 31.84
CA PHE E 56 -14.17 -30.37 31.99
C PHE E 56 -14.32 -30.83 33.45
N GLU E 57 -14.03 -29.92 34.38
CA GLU E 57 -14.19 -30.19 35.80
C GLU E 57 -15.61 -30.61 36.18
N ALA E 58 -16.61 -29.90 35.61
CA ALA E 58 -18.01 -30.18 35.91
C ALA E 58 -18.60 -31.29 34.99
N ASN E 59 -17.86 -31.66 33.95
CA ASN E 59 -18.38 -32.61 32.97
C ASN E 59 -17.32 -33.64 32.70
N PRO E 60 -16.95 -34.41 33.74
CA PRO E 60 -15.83 -35.32 33.54
C PRO E 60 -16.06 -36.31 32.42
N LYS E 61 -17.29 -36.57 32.02
CA LYS E 61 -17.50 -37.56 30.96
C LYS E 61 -17.14 -37.04 29.61
N VAL E 62 -17.41 -35.77 29.33
CA VAL E 62 -17.03 -35.25 28.02
C VAL E 62 -15.51 -35.11 27.90
N ALA E 63 -14.83 -34.73 28.98
CA ALA E 63 -13.35 -34.62 28.99
C ALA E 63 -12.79 -35.96 28.59
N SER E 64 -13.36 -37.02 29.18
CA SER E 64 -12.85 -38.32 28.93
C SER E 64 -13.39 -38.87 27.61
N ASP E 65 -14.68 -38.69 27.29
CA ASP E 65 -15.06 -38.97 25.87
C ASP E 65 -14.14 -38.26 24.87
N LEU E 66 -13.82 -36.96 25.04
CA LEU E 66 -13.02 -36.28 23.95
C LEU E 66 -11.59 -36.82 23.93
N HIS E 67 -11.04 -37.10 25.10
CA HIS E 67 -9.75 -37.74 25.20
C HIS E 67 -9.82 -39.09 24.51
N ALA E 68 -10.81 -39.90 24.84
CA ALA E 68 -10.86 -41.19 24.13
C ALA E 68 -10.84 -40.99 22.60
N LEU E 69 -11.64 -40.05 22.09
CA LEU E 69 -11.65 -39.79 20.66
C LEU E 69 -10.27 -39.38 20.09
N SER E 70 -9.41 -38.85 20.93
CA SER E 70 -8.18 -38.31 20.36
C SER E 70 -7.03 -39.30 20.48
N GLN E 71 -7.31 -40.44 21.12
CA GLN E 71 -6.35 -41.52 21.23
C GLN E 71 -5.80 -42.03 19.91
N PRO E 72 -6.67 -42.21 18.86
CA PRO E 72 -6.06 -42.83 17.70
C PRO E 72 -4.90 -42.01 17.15
N LEU E 73 -4.90 -40.72 17.42
CA LEU E 73 -3.87 -39.85 16.88
C LEU E 73 -2.62 -39.85 17.73
N THR E 74 -2.80 -40.10 19.01
CA THR E 74 -1.67 -40.19 19.89
C THR E 74 -1.01 -41.55 19.66
N ASP E 75 -1.81 -42.62 19.66
CA ASP E 75 -1.33 -43.95 19.30
C ASP E 75 -0.44 -43.81 18.07
N LEU E 76 -0.95 -43.17 17.01
CA LEU E 76 -0.22 -43.19 15.75
C LEU E 76 1.16 -42.60 15.86
N SER E 77 1.25 -41.45 16.51
CA SER E 77 2.51 -40.73 16.53
C SER E 77 3.46 -41.52 17.42
N THR E 78 2.92 -42.16 18.45
CA THR E 78 3.67 -43.07 19.30
C THR E 78 4.20 -44.29 18.54
N ARG E 79 3.32 -44.94 17.76
CA ARG E 79 3.68 -46.06 16.87
C ARG E 79 4.74 -45.66 15.85
N CYS E 80 4.73 -44.39 15.44
CA CYS E 80 5.47 -43.99 14.24
C CYS E 80 6.53 -43.01 14.57
N SER E 81 6.41 -42.38 15.73
CA SER E 81 7.33 -41.29 16.13
C SER E 81 7.22 -40.25 15.00
N LEU E 82 5.99 -39.88 14.72
CA LEU E 82 5.69 -38.80 13.82
C LEU E 82 5.08 -37.73 14.70
N PRO E 83 5.49 -36.47 14.49
CA PRO E 83 4.97 -35.40 15.29
C PRO E 83 3.61 -34.94 14.74
N ILE E 84 2.57 -35.75 14.97
CA ILE E 84 1.21 -35.41 14.61
C ILE E 84 0.28 -35.15 15.77
N SER E 85 0.70 -35.51 16.98
CA SER E 85 -0.08 -35.18 18.19
C SER E 85 0.71 -34.18 19.05
N GLY E 86 0.18 -33.89 20.25
CA GLY E 86 0.85 -33.02 21.22
C GLY E 86 1.21 -31.66 20.69
N LEU E 87 2.19 -31.02 21.32
CA LEU E 87 2.62 -29.72 20.89
C LEU E 87 3.36 -29.84 19.55
N GLN E 88 3.88 -31.04 19.23
CA GLN E 88 4.54 -31.31 17.94
C GLN E 88 3.59 -31.06 16.75
N ALA E 89 2.34 -31.52 16.91
CA ALA E 89 1.29 -31.30 15.94
C ALA E 89 1.22 -29.81 15.50
N ILE E 90 1.21 -28.89 16.48
CA ILE E 90 1.16 -27.44 16.20
C ILE E 90 2.24 -26.99 15.20
N GLY E 91 3.47 -27.41 15.46
CA GLY E 91 4.58 -27.14 14.56
C GLY E 91 4.29 -27.71 13.21
N LEU E 92 3.73 -28.93 13.19
CA LEU E 92 3.42 -29.64 11.94
C LEU E 92 2.44 -28.88 11.03
N MET E 93 1.39 -28.31 11.61
CA MET E 93 0.38 -27.55 10.85
C MET E 93 0.94 -26.29 10.19
N GLN E 94 1.80 -25.58 10.90
CA GLN E 94 2.44 -24.41 10.31
C GLN E 94 3.05 -24.75 8.95
N ALA E 95 3.68 -25.92 8.86
CA ALA E 95 4.36 -26.31 7.65
C ALA E 95 3.43 -26.68 6.48
N VAL E 96 2.40 -27.47 6.75
CA VAL E 96 1.31 -27.72 5.80
C VAL E 96 0.84 -26.44 5.09
N GLN E 97 0.74 -25.33 5.82
CA GLN E 97 0.42 -24.02 5.22
C GLN E 97 1.63 -23.43 4.44
N PRO F 5 -6.75 2.91 33.68
CA PRO F 5 -6.97 1.58 34.28
C PRO F 5 -5.86 0.59 33.92
N CYS F 6 -6.26 -0.66 33.68
CA CYS F 6 -5.51 -1.43 32.74
C CYS F 6 -6.28 -1.32 31.41
N ALA F 7 -6.11 -0.15 30.82
CA ALA F 7 -6.44 0.07 29.45
C ALA F 7 -5.40 -0.53 28.52
N ALA F 8 -5.74 -0.52 27.23
CA ALA F 8 -4.88 -1.06 26.16
C ALA F 8 -3.50 -0.38 26.14
N SER F 9 -3.43 0.91 26.41
CA SER F 9 -2.13 1.57 26.50
C SER F 9 -1.29 0.88 27.54
N GLU F 10 -1.88 0.47 28.65
CA GLU F 10 -1.08 -0.17 29.71
C GLU F 10 -0.69 -1.61 29.39
N VAL F 11 -1.55 -2.33 28.69
CA VAL F 11 -1.12 -3.66 28.29
C VAL F 11 0.00 -3.62 27.25
N ALA F 12 -0.11 -2.77 26.25
CA ALA F 12 0.95 -2.56 25.27
C ALA F 12 2.27 -2.25 25.99
N ARG F 13 2.26 -1.29 26.92
CA ARG F 13 3.42 -1.01 27.73
C ARG F 13 3.90 -2.25 28.46
N THR F 14 2.99 -3.05 29.00
CA THR F 14 3.45 -4.15 29.78
C THR F 14 4.11 -5.19 28.91
N VAL F 15 3.40 -5.58 27.85
CA VAL F 15 3.95 -6.41 26.81
C VAL F 15 5.30 -5.84 26.39
N GLY F 16 5.39 -4.52 26.32
CA GLY F 16 6.61 -3.89 25.86
C GLY F 16 7.75 -4.23 26.78
N SER F 17 7.51 -4.21 28.08
CA SER F 17 8.67 -4.31 28.89
C SER F 17 8.98 -5.79 29.21
N VAL F 18 7.97 -6.61 29.09
CA VAL F 18 8.17 -8.03 29.09
C VAL F 18 8.98 -8.48 27.90
N ALA F 19 8.68 -7.98 26.72
CA ALA F 19 9.45 -8.34 25.54
C ALA F 19 10.90 -7.83 25.58
N LYS F 20 11.08 -6.59 25.99
CA LYS F 20 12.43 -6.11 26.09
C LYS F 20 13.18 -6.94 27.13
N SER F 21 12.53 -7.32 28.22
CA SER F 21 13.33 -7.97 29.19
C SER F 21 13.52 -9.43 28.76
N MET F 22 12.58 -9.97 27.98
CA MET F 22 12.88 -11.25 27.33
C MET F 22 14.02 -11.20 26.32
N GLY F 23 14.14 -10.08 25.62
CA GLY F 23 15.32 -9.86 24.75
C GLY F 23 16.63 -9.83 25.55
N ASP F 24 16.67 -9.09 26.65
CA ASP F 24 17.85 -9.06 27.50
C ASP F 24 18.16 -10.49 28.07
N TYR F 25 17.12 -11.30 28.33
CA TYR F 25 17.35 -12.61 28.87
C TYR F 25 18.02 -13.43 27.79
N LEU F 26 17.44 -13.44 26.60
CA LEU F 26 17.97 -14.28 25.49
C LEU F 26 19.36 -13.82 25.14
N ASP F 27 19.58 -12.53 25.30
CA ASP F 27 20.90 -12.04 24.97
C ASP F 27 21.98 -12.53 25.97
N SER F 28 21.56 -12.78 27.22
CA SER F 28 22.47 -13.34 28.22
C SER F 28 22.50 -14.82 28.20
N HIS F 29 21.64 -15.46 27.45
CA HIS F 29 21.58 -16.91 27.46
C HIS F 29 21.55 -17.45 26.04
N PRO F 30 22.70 -17.41 25.35
CA PRO F 30 22.90 -17.71 23.91
C PRO F 30 22.47 -19.10 23.47
N GLU F 31 22.41 -20.04 24.40
CA GLU F 31 21.93 -21.37 24.04
C GLU F 31 20.43 -21.35 23.96
N THR F 32 19.80 -20.61 24.86
CA THR F 32 18.37 -20.34 24.77
C THR F 32 18.08 -19.44 23.57
N ASN F 33 18.95 -18.46 23.32
CA ASN F 33 18.83 -17.67 22.10
C ASN F 33 18.93 -18.52 20.82
N GLN F 34 19.86 -19.48 20.80
CA GLN F 34 20.11 -20.27 19.58
C GLN F 34 18.87 -21.11 19.32
N VAL F 35 18.39 -21.83 20.34
CA VAL F 35 17.17 -22.62 20.17
C VAL F 35 15.98 -21.78 19.78
N MET F 36 15.85 -20.59 20.34
CA MET F 36 14.69 -19.77 20.00
C MET F 36 14.77 -19.20 18.59
N THR F 37 15.98 -18.89 18.17
CA THR F 37 16.23 -18.37 16.84
C THR F 37 15.96 -19.44 15.79
N ALA F 38 16.51 -20.63 16.01
CA ALA F 38 16.29 -21.77 15.15
C ALA F 38 14.79 -22.00 15.02
N VAL F 39 14.06 -22.01 16.14
CA VAL F 39 12.59 -22.12 16.07
C VAL F 39 11.98 -21.08 15.16
N LEU F 40 12.47 -19.85 15.18
CA LEU F 40 12.04 -18.83 14.19
C LEU F 40 12.53 -19.10 12.76
N GLN F 41 13.81 -19.47 12.63
CA GLN F 41 14.50 -19.58 11.34
C GLN F 41 13.88 -20.66 10.49
N GLN F 42 13.52 -21.76 11.14
CA GLN F 42 12.92 -22.93 10.50
C GLN F 42 11.41 -22.74 10.43
N GLN F 43 10.93 -21.67 11.04
CA GLN F 43 9.51 -21.29 11.00
C GLN F 43 8.59 -22.23 11.79
N VAL F 44 8.91 -22.46 13.06
CA VAL F 44 8.15 -23.41 13.86
C VAL F 44 8.06 -24.76 13.14
N GLY F 45 9.21 -25.23 12.67
CA GLY F 45 9.33 -26.62 12.24
C GLY F 45 9.08 -27.57 13.42
N PRO F 46 8.52 -28.75 13.14
CA PRO F 46 8.50 -29.77 14.18
C PRO F 46 9.90 -29.96 14.83
N GLY F 47 10.94 -30.06 14.00
CA GLY F 47 12.31 -30.39 14.45
C GLY F 47 13.04 -29.40 15.36
N SER F 48 12.40 -28.25 15.54
CA SER F 48 12.87 -27.15 16.35
C SER F 48 12.00 -27.05 17.62
N VAL F 49 10.73 -27.40 17.46
CA VAL F 49 9.84 -27.48 18.58
C VAL F 49 10.27 -28.59 19.53
N ALA F 50 10.79 -29.68 18.97
CA ALA F 50 11.35 -30.73 19.78
C ALA F 50 12.56 -30.23 20.56
N SER F 51 13.42 -29.42 19.92
CA SER F 51 14.68 -28.98 20.58
C SER F 51 14.38 -27.97 21.64
N LEU F 52 13.49 -27.06 21.32
CA LEU F 52 12.90 -26.20 22.30
C LEU F 52 12.41 -26.99 23.52
N LYS F 53 11.68 -28.08 23.30
CA LYS F 53 11.27 -28.96 24.41
C LYS F 53 12.47 -29.51 25.22
N ALA F 54 13.43 -30.15 24.55
CA ALA F 54 14.59 -30.73 25.23
C ALA F 54 15.46 -29.65 25.90
N HIS F 55 15.36 -28.42 25.42
CA HIS F 55 16.11 -27.37 26.01
C HIS F 55 15.58 -27.02 27.39
N PHE F 56 14.27 -26.87 27.48
CA PHE F 56 13.60 -26.63 28.75
C PHE F 56 13.86 -27.83 29.69
N GLU F 57 13.50 -29.03 29.25
CA GLU F 57 13.58 -30.17 30.16
C GLU F 57 15.02 -30.42 30.60
N ALA F 58 15.98 -29.80 29.94
CA ALA F 58 17.38 -29.85 30.38
C ALA F 58 17.80 -28.59 31.22
N ASN F 59 17.04 -27.51 31.07
CA ASN F 59 17.35 -26.31 31.81
C ASN F 59 16.06 -25.74 32.41
N PRO F 60 15.56 -26.36 33.52
CA PRO F 60 14.35 -25.98 34.26
C PRO F 60 14.45 -24.57 34.79
N LYS F 61 15.66 -24.14 35.09
CA LYS F 61 15.93 -22.74 35.43
C LYS F 61 15.40 -21.81 34.31
N VAL F 62 15.67 -22.16 33.05
CA VAL F 62 15.14 -21.33 31.98
C VAL F 62 13.63 -21.34 31.95
N ALA F 63 13.00 -22.47 32.26
CA ALA F 63 11.53 -22.52 32.29
C ALA F 63 10.98 -21.51 33.29
N SER F 64 11.36 -21.66 34.55
CA SER F 64 10.89 -20.74 35.59
C SER F 64 11.40 -19.28 35.41
N ASP F 65 12.56 -19.06 34.76
CA ASP F 65 12.99 -17.68 34.33
C ASP F 65 12.02 -17.06 33.34
N LEU F 66 11.70 -17.79 32.30
CA LEU F 66 10.66 -17.37 31.39
C LEU F 66 9.31 -17.12 32.08
N HIS F 67 8.83 -18.04 32.93
CA HIS F 67 7.65 -17.71 33.76
C HIS F 67 7.82 -16.39 34.51
N ALA F 68 9.00 -16.13 35.08
CA ALA F 68 9.15 -14.91 35.85
C ALA F 68 9.00 -13.70 34.97
N LEU F 69 9.68 -13.69 33.82
CA LEU F 69 9.54 -12.57 32.86
C LEU F 69 8.08 -12.34 32.41
N SER F 70 7.28 -13.39 32.22
CA SER F 70 5.88 -13.09 31.75
C SER F 70 4.98 -12.52 32.82
N GLN F 71 5.42 -12.62 34.04
CA GLN F 71 4.56 -12.35 35.16
C GLN F 71 4.09 -10.89 35.34
N PRO F 72 4.80 -9.87 34.77
CA PRO F 72 4.05 -8.62 34.84
C PRO F 72 2.80 -8.67 33.92
N LEU F 73 2.79 -9.55 32.96
CA LEU F 73 1.69 -9.60 32.02
C LEU F 73 0.70 -10.55 32.65
N THR F 74 1.01 -11.84 32.47
CA THR F 74 0.30 -12.97 33.09
C THR F 74 0.72 -12.72 34.56
N ASP F 75 0.28 -11.60 35.13
CA ASP F 75 -0.29 -11.02 36.34
C ASP F 75 -1.41 -10.13 35.86
N LEU F 76 -1.02 -9.07 35.11
CA LEU F 76 -1.85 -7.86 34.88
C LEU F 76 -3.32 -8.14 34.66
N SER F 77 -3.60 -9.25 33.95
CA SER F 77 -4.94 -9.82 33.89
C SER F 77 -5.67 -9.76 35.25
N THR F 78 -4.89 -10.01 36.32
CA THR F 78 -5.41 -10.19 37.69
C THR F 78 -5.84 -8.90 38.36
N ARG F 79 -5.03 -7.84 38.24
CA ARG F 79 -5.42 -6.52 38.74
C ARG F 79 -6.70 -6.08 38.01
N CYS F 80 -6.86 -6.66 36.83
CA CYS F 80 -7.75 -6.13 35.80
C CYS F 80 -9.08 -6.83 35.55
N SER F 81 -9.21 -8.08 35.99
CA SER F 81 -10.27 -9.01 35.52
C SER F 81 -10.34 -8.83 34.00
N LEU F 82 -9.15 -8.87 33.39
CA LEU F 82 -8.94 -8.79 31.97
C LEU F 82 -7.93 -9.83 31.54
N PRO F 83 -8.40 -11.06 31.28
CA PRO F 83 -7.50 -12.10 30.78
C PRO F 83 -6.89 -11.70 29.40
N ILE F 84 -5.58 -11.87 29.27
CA ILE F 84 -4.85 -11.40 28.14
C ILE F 84 -3.48 -12.06 28.11
N SER F 85 -2.97 -12.29 26.90
CA SER F 85 -1.62 -12.80 26.76
C SER F 85 -0.90 -12.07 25.63
N GLY F 86 0.42 -12.26 25.59
CA GLY F 86 1.25 -11.93 24.41
C GLY F 86 0.50 -12.29 23.13
N LEU F 87 -0.01 -13.52 23.06
CA LEU F 87 -0.77 -13.99 21.89
C LEU F 87 -2.00 -13.14 21.58
N GLN F 88 -2.68 -12.64 22.60
CA GLN F 88 -3.90 -11.86 22.40
C GLN F 88 -3.49 -10.52 21.85
N ALA F 89 -2.38 -10.02 22.41
CA ALA F 89 -1.76 -8.77 22.01
C ALA F 89 -1.35 -8.88 20.55
N ILE F 90 -0.58 -9.92 20.23
CA ILE F 90 -0.28 -10.23 18.82
C ILE F 90 -1.55 -10.50 18.00
N GLY F 91 -2.51 -11.18 18.61
CA GLY F 91 -3.85 -11.36 18.04
C GLY F 91 -4.46 -10.04 17.60
N LEU F 92 -4.38 -9.01 18.45
CA LEU F 92 -4.93 -7.69 18.15
C LEU F 92 -4.19 -6.94 17.02
N MET F 93 -2.86 -7.04 17.00
CA MET F 93 -2.11 -6.33 15.96
C MET F 93 -2.49 -6.95 14.61
N GLN F 94 -2.43 -8.29 14.54
CA GLN F 94 -3.05 -9.10 13.47
C GLN F 94 -4.41 -8.58 13.03
N ALA F 95 -5.27 -8.22 14.00
CA ALA F 95 -6.63 -7.72 13.71
C ALA F 95 -6.70 -6.29 13.16
N VAL F 96 -5.82 -5.42 13.68
CA VAL F 96 -5.64 -4.05 13.23
C VAL F 96 -5.35 -4.05 11.71
N GLN F 97 -4.41 -4.93 11.30
CA GLN F 97 -4.01 -5.00 9.89
C GLN F 97 -5.20 -5.42 9.05
N GLY F 98 -5.96 -6.42 9.50
CA GLY F 98 -7.20 -6.84 8.81
C GLY F 98 -8.24 -5.74 8.63
N ALA F 99 -8.24 -4.79 9.58
CA ALA F 99 -9.14 -3.60 9.43
C ALA F 99 -8.57 -2.64 8.36
N ARG F 100 -7.23 -2.55 8.37
CA ARG F 100 -6.51 -1.77 7.38
C ARG F 100 -6.90 -2.31 6.01
N ARG F 101 -6.86 -3.63 5.84
CA ARG F 101 -7.18 -4.24 4.51
C ARG F 101 -8.64 -4.20 4.19
N CYS G 6 -20.10 -22.30 11.75
CA CYS G 6 -18.75 -21.80 12.12
C CYS G 6 -18.38 -22.28 13.51
N ALA G 7 -19.19 -23.21 13.99
CA ALA G 7 -19.05 -23.73 15.32
C ALA G 7 -17.96 -24.78 15.26
N ALA G 8 -17.27 -24.94 16.37
CA ALA G 8 -16.21 -25.92 16.45
C ALA G 8 -16.58 -27.27 15.80
N SER G 9 -17.81 -27.71 15.99
CA SER G 9 -18.29 -28.95 15.42
C SER G 9 -18.17 -28.93 13.94
N GLU G 10 -18.45 -27.82 13.30
CA GLU G 10 -18.45 -27.83 11.88
C GLU G 10 -17.00 -27.66 11.29
N VAL G 11 -16.10 -26.95 11.99
CA VAL G 11 -14.75 -26.90 11.53
C VAL G 11 -14.17 -28.23 11.65
N ALA G 12 -14.47 -28.92 12.74
CA ALA G 12 -13.93 -30.25 12.92
C ALA G 12 -14.41 -31.24 11.82
N ARG G 13 -15.65 -31.10 11.40
CA ARG G 13 -16.21 -31.99 10.41
C ARG G 13 -15.59 -31.75 9.06
N THR G 14 -15.50 -30.45 8.65
CA THR G 14 -14.84 -30.08 7.42
C THR G 14 -13.41 -30.59 7.36
N VAL G 15 -12.61 -30.25 8.36
CA VAL G 15 -11.22 -30.69 8.42
C VAL G 15 -11.24 -32.19 8.23
N GLY G 16 -12.16 -32.88 8.91
CA GLY G 16 -12.21 -34.34 8.89
C GLY G 16 -12.50 -34.93 7.50
N SER G 17 -13.43 -34.36 6.75
CA SER G 17 -13.70 -34.89 5.44
C SER G 17 -12.54 -34.49 4.49
N VAL G 18 -12.07 -33.24 4.55
CA VAL G 18 -10.85 -32.94 3.77
C VAL G 18 -9.65 -33.90 4.09
N ALA G 19 -9.22 -34.02 5.33
CA ALA G 19 -8.10 -34.91 5.64
C ALA G 19 -8.37 -36.33 5.14
N LYS G 20 -9.61 -36.81 5.27
CA LYS G 20 -9.91 -38.18 4.83
C LYS G 20 -9.76 -38.30 3.31
N SER G 21 -10.27 -37.28 2.62
CA SER G 21 -10.21 -37.35 1.17
C SER G 21 -8.75 -37.24 0.73
N MET G 22 -7.97 -36.32 1.32
CA MET G 22 -6.53 -36.24 1.00
C MET G 22 -5.89 -37.60 1.28
N GLY G 23 -6.20 -38.18 2.44
CA GLY G 23 -5.72 -39.56 2.81
C GLY G 23 -5.98 -40.65 1.79
N ASP G 24 -7.24 -40.83 1.41
CA ASP G 24 -7.58 -41.72 0.30
C ASP G 24 -6.76 -41.45 -0.92
N TYR G 25 -6.72 -40.20 -1.35
CA TYR G 25 -6.00 -39.86 -2.58
C TYR G 25 -4.48 -40.23 -2.55
N LEU G 26 -3.85 -39.93 -1.44
CA LEU G 26 -2.47 -40.30 -1.30
C LEU G 26 -2.30 -41.82 -1.26
N ASP G 27 -3.22 -42.50 -0.55
CA ASP G 27 -3.18 -43.96 -0.55
C ASP G 27 -3.25 -44.50 -1.98
N SER G 28 -4.07 -43.86 -2.82
CA SER G 28 -4.17 -44.38 -4.19
C SER G 28 -2.97 -43.98 -5.07
N HIS G 29 -2.16 -43.01 -4.61
CA HIS G 29 -1.05 -42.43 -5.39
C HIS G 29 0.30 -42.57 -4.63
N PRO G 30 0.86 -43.81 -4.60
CA PRO G 30 2.10 -44.16 -3.89
C PRO G 30 3.29 -43.30 -4.17
N GLU G 31 3.42 -42.74 -5.36
CA GLU G 31 4.55 -41.84 -5.58
C GLU G 31 4.40 -40.59 -4.74
N THR G 32 3.31 -39.89 -4.95
CA THR G 32 2.96 -38.73 -4.11
C THR G 32 2.95 -39.13 -2.61
N ASN G 33 2.30 -40.22 -2.29
CA ASN G 33 2.28 -40.66 -0.89
C ASN G 33 3.74 -40.76 -0.34
N GLN G 34 4.66 -41.23 -1.18
CA GLN G 34 6.09 -41.42 -0.78
C GLN G 34 6.79 -40.07 -0.55
N VAL G 35 6.56 -39.11 -1.45
CA VAL G 35 7.11 -37.76 -1.30
C VAL G 35 6.53 -37.05 -0.06
N MET G 36 5.22 -37.15 0.17
CA MET G 36 4.64 -36.53 1.37
C MET G 36 5.18 -37.29 2.59
N THR G 37 5.33 -38.61 2.46
CA THR G 37 5.82 -39.37 3.59
C THR G 37 7.24 -38.93 4.02
N ALA G 38 8.16 -38.77 3.06
CA ALA G 38 9.52 -38.31 3.32
C ALA G 38 9.50 -36.92 3.91
N VAL G 39 8.56 -36.06 3.51
CA VAL G 39 8.41 -34.77 4.21
C VAL G 39 8.07 -34.89 5.70
N LEU G 40 7.21 -35.83 6.05
CA LEU G 40 6.81 -36.00 7.44
C LEU G 40 7.88 -36.67 8.28
N GLN G 41 8.78 -37.39 7.64
CA GLN G 41 9.86 -38.03 8.38
C GLN G 41 10.97 -37.01 8.61
N GLN G 42 11.11 -36.08 7.69
CA GLN G 42 12.21 -35.14 7.82
C GLN G 42 11.68 -33.86 8.37
N GLN G 43 10.57 -33.94 9.11
CA GLN G 43 10.06 -32.82 9.90
C GLN G 43 9.83 -31.57 9.05
N VAL G 44 9.39 -31.74 7.81
CA VAL G 44 9.22 -30.58 6.90
C VAL G 44 10.50 -29.74 6.80
N GLY G 45 11.66 -30.37 6.97
CA GLY G 45 12.93 -29.72 6.76
C GLY G 45 13.19 -29.41 5.30
N PRO G 46 14.22 -28.62 5.02
CA PRO G 46 14.60 -28.04 3.74
C PRO G 46 14.68 -29.01 2.54
N GLY G 47 15.26 -30.19 2.74
CA GLY G 47 15.54 -31.09 1.61
C GLY G 47 14.25 -31.73 1.07
N SER G 48 13.32 -31.98 1.99
CA SER G 48 12.10 -32.69 1.68
C SER G 48 11.07 -31.75 1.06
N VAL G 49 11.12 -30.45 1.43
CA VAL G 49 10.24 -29.49 0.78
C VAL G 49 10.52 -29.37 -0.72
N ALA G 50 11.81 -29.35 -1.11
CA ALA G 50 12.13 -29.10 -2.53
C ALA G 50 11.76 -30.30 -3.41
N SER G 51 11.86 -31.48 -2.81
CA SER G 51 11.50 -32.68 -3.50
C SER G 51 9.99 -32.57 -3.79
N LEU G 52 9.28 -31.99 -2.83
CA LEU G 52 7.84 -31.80 -2.97
C LEU G 52 7.55 -30.81 -4.08
N LYS G 53 8.20 -29.66 -4.04
CA LYS G 53 7.93 -28.64 -5.03
C LYS G 53 8.09 -29.31 -6.39
N ALA G 54 9.22 -29.99 -6.64
CA ALA G 54 9.47 -30.61 -7.94
C ALA G 54 8.42 -31.71 -8.24
N HIS G 55 7.89 -32.37 -7.23
CA HIS G 55 6.98 -33.36 -7.52
C HIS G 55 5.72 -32.76 -8.09
N PHE G 56 5.36 -31.57 -7.63
CA PHE G 56 4.18 -30.82 -8.11
C PHE G 56 4.35 -30.23 -9.46
N GLU G 57 5.50 -29.63 -9.76
CA GLU G 57 5.77 -29.15 -11.13
C GLU G 57 5.63 -30.26 -12.16
N ALA G 58 6.04 -31.48 -11.80
CA ALA G 58 6.01 -32.53 -12.80
C ALA G 58 4.66 -33.25 -12.80
N ASN G 59 3.83 -32.97 -11.81
CA ASN G 59 2.56 -33.67 -11.71
C ASN G 59 1.42 -32.70 -11.43
N PRO G 60 1.15 -31.79 -12.40
CA PRO G 60 0.16 -30.70 -12.27
C PRO G 60 -1.25 -31.25 -11.98
N LYS G 61 -1.54 -32.43 -12.52
CA LYS G 61 -2.79 -33.12 -12.11
C LYS G 61 -2.86 -33.45 -10.61
N VAL G 62 -1.80 -34.04 -10.05
CA VAL G 62 -1.80 -34.24 -8.60
C VAL G 62 -1.97 -32.98 -7.82
N ALA G 63 -1.21 -31.91 -8.21
CA ALA G 63 -1.30 -30.64 -7.48
C ALA G 63 -2.73 -30.10 -7.47
N SER G 64 -3.41 -30.14 -8.62
CA SER G 64 -4.72 -29.50 -8.71
C SER G 64 -5.77 -30.31 -8.03
N ASP G 65 -5.60 -31.63 -8.09
CA ASP G 65 -6.48 -32.58 -7.40
C ASP G 65 -6.39 -32.34 -5.88
N LEU G 66 -5.16 -32.28 -5.33
CA LEU G 66 -5.02 -31.97 -3.89
C LEU G 66 -5.60 -30.61 -3.61
N HIS G 67 -5.28 -29.62 -4.46
CA HIS G 67 -5.85 -28.31 -4.23
C HIS G 67 -7.36 -28.32 -4.20
N ALA G 68 -8.01 -29.04 -5.09
CA ALA G 68 -9.47 -29.08 -5.05
C ALA G 68 -9.96 -29.76 -3.75
N LEU G 69 -9.27 -30.82 -3.28
CA LEU G 69 -9.73 -31.45 -2.06
C LEU G 69 -9.52 -30.57 -0.83
N SER G 70 -8.61 -29.61 -0.94
CA SER G 70 -8.36 -28.72 0.20
C SER G 70 -9.30 -27.52 0.18
N GLN G 71 -10.03 -27.38 -0.90
CA GLN G 71 -10.90 -26.20 -1.00
C GLN G 71 -11.95 -25.96 0.10
N PRO G 72 -12.67 -27.00 0.57
CA PRO G 72 -13.71 -26.71 1.56
C PRO G 72 -13.07 -26.08 2.84
N LEU G 73 -11.85 -26.49 3.13
CA LEU G 73 -11.10 -25.94 4.23
C LEU G 73 -10.78 -24.48 4.00
N THR G 74 -10.31 -24.15 2.82
CA THR G 74 -10.03 -22.76 2.52
C THR G 74 -11.35 -21.96 2.49
N ASP G 75 -12.42 -22.51 1.91
CA ASP G 75 -13.77 -21.88 1.99
C ASP G 75 -14.07 -21.51 3.44
N LEU G 76 -13.98 -22.51 4.32
CA LEU G 76 -14.37 -22.34 5.68
C LEU G 76 -13.73 -21.12 6.32
N SER G 77 -12.39 -21.08 6.34
CA SER G 77 -11.62 -20.01 6.96
C SER G 77 -11.69 -18.73 6.11
N THR G 78 -12.90 -18.41 5.65
CA THR G 78 -13.26 -17.22 4.88
C THR G 78 -14.57 -17.17 5.68
N ARG G 79 -15.47 -18.17 5.29
CA ARG G 79 -16.93 -18.08 5.45
C ARG G 79 -17.00 -17.70 6.95
N CYS G 80 -16.02 -18.15 7.75
CA CYS G 80 -15.95 -17.93 9.21
C CYS G 80 -14.73 -17.10 9.62
N SER G 81 -13.59 -17.41 8.99
CA SER G 81 -12.34 -16.65 9.11
C SER G 81 -11.86 -16.35 10.55
N LEU G 82 -11.57 -17.36 11.35
CA LEU G 82 -11.36 -17.10 12.77
C LEU G 82 -9.91 -17.13 13.29
N PRO G 83 -9.13 -18.18 12.92
CA PRO G 83 -7.70 -18.12 13.11
C PRO G 83 -6.98 -18.64 11.86
N ILE G 84 -5.86 -19.32 12.10
CA ILE G 84 -5.17 -20.08 11.08
C ILE G 84 -6.04 -21.26 10.58
N SER G 85 -5.89 -21.63 9.31
CA SER G 85 -6.49 -22.87 8.81
C SER G 85 -5.74 -24.03 9.50
N GLY G 86 -5.01 -23.69 10.57
CA GLY G 86 -4.01 -24.55 11.20
C GLY G 86 -4.36 -25.19 12.53
N LEU G 87 -3.91 -24.58 13.62
CA LEU G 87 -3.98 -25.16 14.98
C LEU G 87 -5.36 -25.66 15.34
N GLN G 88 -6.38 -25.05 14.75
CA GLN G 88 -7.75 -25.54 14.90
C GLN G 88 -7.76 -27.06 14.75
N ALA G 89 -6.84 -27.54 13.91
CA ALA G 89 -6.63 -28.96 13.66
C ALA G 89 -5.70 -29.67 14.66
N ILE G 90 -5.34 -29.04 15.79
CA ILE G 90 -4.68 -29.76 16.89
C ILE G 90 -5.60 -30.91 17.31
N GLY G 91 -6.86 -30.78 16.90
CA GLY G 91 -7.83 -31.86 16.84
C GLY G 91 -8.45 -32.05 15.45
N ASP H 4 22.88 -8.28 15.67
CA ASP H 4 23.39 -9.47 14.87
C ASP H 4 22.49 -9.68 13.64
N PRO H 5 21.50 -10.61 13.71
CA PRO H 5 20.46 -10.44 12.67
C PRO H 5 18.97 -10.44 13.13
N CYS H 6 18.44 -11.65 13.06
CA CYS H 6 17.07 -12.01 13.10
C CYS H 6 17.00 -12.99 14.23
N ALA H 7 17.95 -12.88 15.15
CA ALA H 7 17.91 -13.62 16.38
C ALA H 7 16.64 -13.29 17.20
N ALA H 8 16.08 -14.33 17.80
CA ALA H 8 15.00 -14.18 18.75
C ALA H 8 15.21 -12.96 19.70
N SER H 9 16.41 -12.76 20.26
CA SER H 9 16.63 -11.62 21.18
C SER H 9 16.31 -10.28 20.50
N GLU H 10 16.77 -10.09 19.24
CA GLU H 10 16.46 -8.89 18.51
C GLU H 10 14.96 -8.81 18.15
N VAL H 11 14.32 -9.90 17.70
CA VAL H 11 12.89 -9.77 17.47
C VAL H 11 12.13 -9.38 18.71
N ALA H 12 12.50 -9.94 19.85
CA ALA H 12 11.91 -9.53 21.09
C ALA H 12 12.16 -8.07 21.35
N ARG H 13 13.36 -7.56 21.06
CA ARG H 13 13.64 -6.15 21.37
C ARG H 13 12.83 -5.22 20.50
N THR H 14 12.75 -5.56 19.23
CA THR H 14 11.89 -4.84 18.32
C THR H 14 10.40 -4.95 18.77
N VAL H 15 9.95 -6.17 19.07
CA VAL H 15 8.55 -6.29 19.51
C VAL H 15 8.45 -5.42 20.74
N GLY H 16 9.49 -5.46 21.57
CA GLY H 16 9.53 -4.61 22.75
C GLY H 16 9.32 -3.15 22.49
N SER H 17 10.06 -2.56 21.54
CA SER H 17 10.02 -1.13 21.48
C SER H 17 8.82 -0.62 20.70
N VAL H 18 8.33 -1.45 19.80
CA VAL H 18 7.12 -1.15 19.04
C VAL H 18 5.94 -1.08 19.96
N ALA H 19 5.65 -2.18 20.66
CA ALA H 19 4.64 -2.23 21.71
C ALA H 19 4.69 -1.09 22.73
N LYS H 20 5.87 -0.75 23.24
CA LYS H 20 6.00 0.45 24.06
C LYS H 20 5.57 1.76 23.29
N SER H 21 5.94 1.86 22.01
CA SER H 21 5.62 3.11 21.33
C SER H 21 4.14 3.19 21.04
N MET H 22 3.50 2.04 20.86
CA MET H 22 2.07 1.94 20.75
C MET H 22 1.36 2.33 22.03
N GLY H 23 1.91 1.91 23.15
CA GLY H 23 1.30 2.25 24.43
C GLY H 23 1.35 3.75 24.64
N ASP H 24 2.51 4.39 24.41
CA ASP H 24 2.67 5.83 24.60
C ASP H 24 1.73 6.54 23.69
N TYR H 25 1.59 6.03 22.48
CA TYR H 25 0.63 6.57 21.54
C TYR H 25 -0.80 6.52 22.02
N LEU H 26 -1.30 5.32 22.33
CA LEU H 26 -2.65 5.11 22.87
C LEU H 26 -2.86 5.99 24.06
N ASP H 27 -1.82 6.11 24.87
CA ASP H 27 -1.95 6.88 26.09
C ASP H 27 -2.35 8.33 25.79
N SER H 28 -1.83 8.89 24.71
CA SER H 28 -2.21 10.24 24.34
C SER H 28 -3.43 10.28 23.41
N HIS H 29 -3.98 9.15 23.06
CA HIS H 29 -5.17 9.12 22.18
C HIS H 29 -6.27 8.32 22.77
N PRO H 30 -6.85 8.86 23.87
CA PRO H 30 -7.84 8.24 24.75
C PRO H 30 -8.87 7.46 24.00
N GLU H 31 -9.36 8.02 22.92
CA GLU H 31 -10.47 7.41 22.22
C GLU H 31 -10.03 6.21 21.43
N THR H 32 -8.84 6.30 20.85
CA THR H 32 -8.34 5.10 20.22
C THR H 32 -8.05 4.09 21.32
N ASN H 33 -7.56 4.57 22.46
CA ASN H 33 -7.19 3.71 23.56
C ASN H 33 -8.39 2.87 24.00
N GLN H 34 -9.54 3.54 24.15
CA GLN H 34 -10.74 2.85 24.58
C GLN H 34 -11.28 1.84 23.56
N VAL H 35 -11.23 2.14 22.26
CA VAL H 35 -11.57 1.16 21.24
C VAL H 35 -10.71 -0.12 21.39
N MET H 36 -9.40 0.06 21.54
CA MET H 36 -8.50 -1.08 21.68
C MET H 36 -8.80 -1.84 22.96
N THR H 37 -9.14 -1.09 24.00
CA THR H 37 -9.43 -1.68 25.27
C THR H 37 -10.65 -2.62 25.16
N ALA H 38 -11.75 -2.12 24.62
CA ALA H 38 -12.94 -2.95 24.39
C ALA H 38 -12.62 -4.21 23.56
N VAL H 39 -11.71 -4.10 22.58
CA VAL H 39 -11.45 -5.27 21.76
C VAL H 39 -10.79 -6.33 22.61
N LEU H 40 -9.74 -5.99 23.35
CA LEU H 40 -9.17 -6.94 24.39
C LEU H 40 -10.20 -7.52 25.32
N GLN H 41 -11.09 -6.67 25.82
CA GLN H 41 -12.10 -7.17 26.73
C GLN H 41 -13.01 -8.16 26.03
N GLN H 42 -13.32 -7.92 24.75
CA GLN H 42 -14.06 -8.90 23.93
C GLN H 42 -13.13 -10.06 23.61
N GLN H 43 -12.00 -10.17 24.31
CA GLN H 43 -11.04 -11.25 24.01
C GLN H 43 -10.74 -11.34 22.51
N VAL H 44 -10.90 -10.20 21.82
CA VAL H 44 -10.52 -10.06 20.42
C VAL H 44 -11.30 -11.07 19.59
N GLY H 45 -12.61 -11.12 19.78
CA GLY H 45 -13.45 -12.01 19.02
C GLY H 45 -14.14 -11.27 17.89
N PRO H 46 -15.43 -11.63 17.63
CA PRO H 46 -16.44 -11.07 16.76
C PRO H 46 -16.16 -9.87 15.85
N GLY H 47 -16.99 -8.85 15.95
CA GLY H 47 -16.76 -7.66 15.17
C GLY H 47 -15.62 -6.83 15.74
N SER H 48 -14.56 -7.48 16.23
CA SER H 48 -13.43 -6.73 16.75
C SER H 48 -12.64 -6.19 15.56
N VAL H 49 -12.61 -6.94 14.46
CA VAL H 49 -12.10 -6.39 13.21
C VAL H 49 -13.02 -5.27 12.73
N ALA H 50 -14.33 -5.50 12.84
CA ALA H 50 -15.33 -4.60 12.31
C ALA H 50 -15.27 -3.27 13.04
N SER H 51 -15.21 -3.33 14.36
CA SER H 51 -15.19 -2.11 15.14
C SER H 51 -13.91 -1.32 14.89
N LEU H 52 -12.85 -2.02 14.48
CA LEU H 52 -11.57 -1.40 14.21
C LEU H 52 -11.62 -0.63 12.87
N LYS H 53 -12.19 -1.27 11.85
CA LYS H 53 -12.49 -0.59 10.62
C LYS H 53 -13.30 0.69 10.86
N ALA H 54 -14.38 0.60 11.65
CA ALA H 54 -15.29 1.73 11.82
C ALA H 54 -14.55 2.87 12.44
N HIS H 55 -13.60 2.55 13.30
CA HIS H 55 -12.85 3.57 13.96
C HIS H 55 -11.79 4.20 13.03
N PHE H 56 -11.17 3.37 12.20
CA PHE H 56 -10.15 3.84 11.28
C PHE H 56 -10.73 4.68 10.11
N GLU H 57 -12.02 4.48 9.77
CA GLU H 57 -12.62 5.15 8.63
C GLU H 57 -12.93 6.57 9.09
N ALA H 58 -13.29 6.66 10.36
CA ALA H 58 -13.51 7.92 11.05
C ALA H 58 -12.19 8.64 11.34
N ASN H 59 -11.11 7.86 11.58
CA ASN H 59 -9.84 8.35 12.05
C ASN H 59 -8.63 7.83 11.24
N PRO H 60 -8.53 8.25 9.95
CA PRO H 60 -7.41 7.94 9.08
C PRO H 60 -6.05 8.41 9.63
N LYS H 61 -6.00 9.50 10.39
CA LYS H 61 -4.69 9.89 10.95
C LYS H 61 -4.15 8.91 12.03
N VAL H 62 -5.02 8.43 12.89
CA VAL H 62 -4.64 7.38 13.79
C VAL H 62 -4.31 6.11 13.04
N ALA H 63 -5.13 5.72 12.03
CA ALA H 63 -4.80 4.51 11.27
C ALA H 63 -3.36 4.62 10.78
N SER H 64 -3.04 5.76 10.20
CA SER H 64 -1.72 5.89 9.63
C SER H 64 -0.63 6.07 10.67
N ASP H 65 -0.91 6.80 11.74
CA ASP H 65 0.04 6.86 12.84
C ASP H 65 0.41 5.47 13.30
N LEU H 66 -0.58 4.57 13.45
CA LEU H 66 -0.27 3.24 14.07
C LEU H 66 0.55 2.32 13.15
N HIS H 67 0.23 2.32 11.86
CA HIS H 67 1.03 1.64 10.85
C HIS H 67 2.52 2.04 10.93
N ALA H 68 2.81 3.33 11.12
CA ALA H 68 4.19 3.78 11.04
C ALA H 68 4.88 3.31 12.28
N LEU H 69 4.18 3.31 13.40
CA LEU H 69 4.76 2.79 14.65
C LEU H 69 5.00 1.27 14.57
N SER H 70 4.19 0.60 13.75
CA SER H 70 4.33 -0.82 13.54
C SER H 70 5.41 -1.20 12.46
N GLN H 71 5.83 -0.25 11.65
CA GLN H 71 6.88 -0.52 10.64
C GLN H 71 8.11 -1.37 11.06
N PRO H 72 8.80 -1.01 12.16
CA PRO H 72 9.99 -1.81 12.50
C PRO H 72 9.64 -3.29 12.62
N LEU H 73 8.48 -3.59 13.18
CA LEU H 73 8.04 -4.97 13.20
C LEU H 73 7.79 -5.58 11.86
N THR H 74 7.01 -4.95 10.98
CA THR H 74 6.78 -5.53 9.66
C THR H 74 8.05 -5.57 8.81
N ASP H 75 8.93 -4.59 8.96
CA ASP H 75 10.25 -4.61 8.32
C ASP H 75 11.06 -5.83 8.73
N LEU H 76 11.23 -6.05 10.04
CA LEU H 76 11.91 -7.27 10.51
C LEU H 76 11.20 -8.50 9.98
N SER H 77 9.87 -8.47 9.97
CA SER H 77 9.10 -9.62 9.50
C SER H 77 9.53 -10.01 8.09
N THR H 78 9.74 -9.02 7.23
CA THR H 78 10.23 -9.29 5.88
C THR H 78 11.73 -9.59 5.79
N ARG H 79 12.56 -8.76 6.46
CA ARG H 79 14.01 -9.00 6.54
C ARG H 79 14.36 -10.43 6.92
N CYS H 80 13.51 -11.06 7.73
CA CYS H 80 13.78 -12.40 8.25
C CYS H 80 12.78 -13.41 7.69
N SER H 81 11.62 -13.52 8.32
CA SER H 81 10.60 -14.49 7.94
C SER H 81 9.42 -14.46 8.91
N LEU H 82 8.56 -15.47 8.72
CA LEU H 82 7.56 -15.74 9.71
C LEU H 82 6.27 -14.97 9.66
N PRO H 83 5.96 -14.33 8.50
CA PRO H 83 4.67 -13.68 8.24
C PRO H 83 3.72 -13.61 9.45
N ILE H 84 4.34 -13.40 10.63
CA ILE H 84 3.69 -13.16 11.93
C ILE H 84 2.67 -14.22 12.39
N SER H 85 2.56 -15.33 11.64
CA SER H 85 1.91 -16.57 12.05
C SER H 85 2.84 -17.47 12.87
N GLY H 86 4.14 -17.18 12.81
CA GLY H 86 5.15 -17.97 13.49
C GLY H 86 5.42 -17.51 14.92
N LEU H 87 5.30 -16.21 15.15
CA LEU H 87 5.17 -15.72 16.51
C LEU H 87 3.87 -16.24 17.13
N GLN H 88 2.82 -16.31 16.29
CA GLN H 88 1.52 -16.86 16.68
C GLN H 88 1.62 -18.28 17.14
N ALA H 89 2.38 -19.05 16.35
CA ALA H 89 2.57 -20.45 16.58
C ALA H 89 3.26 -20.71 17.92
N ILE H 90 4.27 -19.90 18.24
CA ILE H 90 4.94 -20.02 19.54
C ILE H 90 3.95 -19.73 20.65
N GLY H 91 3.19 -18.66 20.45
CA GLY H 91 2.11 -18.25 21.35
C GLY H 91 1.06 -19.33 21.55
N LEU H 92 0.72 -20.04 20.47
CA LEU H 92 -0.23 -21.14 20.54
C LEU H 92 0.32 -22.32 21.34
N MET H 93 1.64 -22.49 21.30
CA MET H 93 2.33 -23.56 22.02
C MET H 93 2.38 -23.33 23.53
N GLN H 94 2.71 -22.08 23.87
CA GLN H 94 2.64 -21.62 25.23
C GLN H 94 1.21 -21.79 25.76
N ALA H 95 0.24 -21.20 25.05
CA ALA H 95 -1.16 -21.24 25.47
C ALA H 95 -1.66 -22.62 25.78
N VAL H 96 -1.20 -23.64 25.02
CA VAL H 96 -1.72 -25.01 25.08
C VAL H 96 -0.89 -25.82 26.06
N GLN H 97 0.38 -25.43 26.13
CA GLN H 97 1.23 -26.22 27.02
C GLN H 97 0.81 -25.87 28.44
N GLY H 98 0.33 -24.63 28.65
CA GLY H 98 -0.20 -24.20 29.95
C GLY H 98 -1.63 -24.70 30.14
N ALA H 99 -2.45 -24.50 29.10
CA ALA H 99 -3.78 -25.17 29.07
C ALA H 99 -3.69 -26.62 29.43
#